data_4BIS
#
_entry.id   4BIS
#
_cell.length_a   100.690
_cell.length_b   150.150
_cell.length_c   57.450
_cell.angle_alpha   90.00
_cell.angle_beta   90.00
_cell.angle_gamma   90.00
#
_symmetry.space_group_name_H-M   'P 21 21 2'
#
loop_
_entity.id
_entity.type
_entity.pdbx_description
1 polymer 'LYSINE-SPECIFIC DEMETHYLASE 4A'
2 non-polymer 'NICKEL (II) ION'
3 non-polymer 'ZINC ION'
4 non-polymer 'CHLORIDE ION'
5 non-polymer '8-hydroxyquinoline-4-carboxylic acid'
6 non-polymer GLYCEROL
7 water water
#
_entity_poly.entity_id   1
_entity_poly.type   'polypeptide(L)'
_entity_poly.pdbx_seq_one_letter_code
;MHHHHHHSSGVDLGTENLYFQSMASESETLNPSARIMTFYPTMEEFRNFSRYIAYIESQGAHRAGLAKVVPPKEWKPRAS
YDDIDDLVIPAPIQQLVTGQSGLFTQYNIQKKAMTVREFRKIANSDKYCTPRYSEFEELERKYWKNLTFNPPIYGADVNG
TLYEKHVDEWNIGRLRTILDLVEKESGITIEGVNTPYLYFGMWKTSFAWHTEDMDLYSINYLHFGEPKSWYSVPPEHGKR
LERLAKGFFPGSAQSCEAFLRHKMTLISPLMLKKYGIPFDKVTQEAGEFMITFPYGYHAGFNHGFNCAESTNFATRRWIE
YGKQAVLCSCRKDMVKISMDVFVRKFQPERYKLWKAGKDNTVIDHTLPTPEAAEFLKESEL
;
_entity_poly.pdbx_strand_id   A,B
#
# COMPACT_ATOMS: atom_id res chain seq x y z
N LEU A 30 -1.21 -18.45 10.48
CA LEU A 30 -1.29 -19.08 9.13
C LEU A 30 -1.68 -18.06 8.04
N ASN A 31 -1.43 -18.43 6.78
CA ASN A 31 -1.73 -17.56 5.65
C ASN A 31 -1.01 -16.22 5.81
N PRO A 32 0.32 -16.26 5.95
CA PRO A 32 1.14 -15.05 6.13
C PRO A 32 1.11 -14.13 4.91
N SER A 33 0.75 -14.66 3.76
CA SER A 33 0.68 -13.86 2.55
C SER A 33 -0.65 -13.12 2.48
N ALA A 34 -1.59 -13.55 3.32
CA ALA A 34 -2.93 -12.98 3.39
C ALA A 34 -3.63 -13.05 2.04
N ARG A 35 -3.42 -14.15 1.32
CA ARG A 35 -4.04 -14.33 0.00
C ARG A 35 -5.45 -14.91 0.10
N ILE A 36 -6.27 -14.63 -0.92
CA ILE A 36 -7.64 -15.13 -0.91
C ILE A 36 -7.63 -16.65 -1.03
N MET A 37 -8.31 -17.31 -0.10
CA MET A 37 -8.37 -18.77 -0.08
C MET A 37 -9.70 -19.30 -0.60
N THR A 38 -9.68 -20.55 -1.06
CA THR A 38 -10.86 -21.19 -1.59
C THR A 38 -11.06 -22.50 -0.85
N PHE A 39 -12.31 -22.78 -0.46
CA PHE A 39 -12.60 -23.99 0.29
C PHE A 39 -13.65 -24.88 -0.37
N TYR A 40 -13.36 -26.18 -0.35
CA TYR A 40 -14.23 -27.20 -0.92
C TYR A 40 -14.65 -28.13 0.22
N PRO A 41 -15.73 -27.76 0.92
CA PRO A 41 -16.25 -28.55 2.04
C PRO A 41 -17.09 -29.74 1.64
N THR A 42 -16.92 -30.84 2.37
CA THR A 42 -17.69 -32.05 2.14
C THR A 42 -19.03 -31.78 2.80
N MET A 43 -20.10 -32.36 2.25
CA MET A 43 -21.43 -32.14 2.78
C MET A 43 -21.53 -32.22 4.30
N GLU A 44 -20.60 -32.93 4.93
CA GLU A 44 -20.61 -33.07 6.39
C GLU A 44 -20.14 -31.80 7.09
N GLU A 45 -19.10 -31.19 6.54
CA GLU A 45 -18.52 -29.96 7.09
C GLU A 45 -19.45 -28.79 6.79
N PHE A 46 -20.12 -28.87 5.65
CA PHE A 46 -21.01 -27.84 5.16
C PHE A 46 -22.28 -27.62 5.98
N ARG A 47 -22.72 -28.64 6.73
CA ARG A 47 -23.94 -28.52 7.51
C ARG A 47 -24.00 -27.37 8.51
N ASN A 48 -23.01 -27.29 9.40
CA ASN A 48 -22.97 -26.23 10.41
C ASN A 48 -22.21 -25.01 9.92
N PHE A 49 -22.97 -23.97 9.59
CA PHE A 49 -22.39 -22.72 9.08
C PHE A 49 -21.35 -22.10 10.00
N SER A 50 -21.77 -21.76 11.21
CA SER A 50 -20.87 -21.13 12.17
C SER A 50 -19.59 -21.91 12.36
N ARG A 51 -19.67 -23.24 12.40
CA ARG A 51 -18.49 -24.07 12.58
C ARG A 51 -17.48 -23.90 11.46
N TYR A 52 -17.96 -24.06 10.22
CA TYR A 52 -17.08 -23.94 9.07
C TYR A 52 -16.43 -22.56 9.03
N ILE A 53 -17.17 -21.53 9.43
CA ILE A 53 -16.60 -20.20 9.44
C ILE A 53 -15.44 -20.23 10.42
N ALA A 54 -15.64 -20.88 11.56
CA ALA A 54 -14.59 -20.99 12.55
C ALA A 54 -13.41 -21.76 11.95
N TYR A 55 -13.73 -22.76 11.13
CA TYR A 55 -12.70 -23.56 10.51
C TYR A 55 -11.83 -22.74 9.55
N ILE A 56 -12.45 -22.04 8.62
CA ILE A 56 -11.65 -21.27 7.68
C ILE A 56 -10.83 -20.21 8.43
N GLU A 57 -11.37 -19.67 9.51
CA GLU A 57 -10.60 -18.68 10.27
C GLU A 57 -9.41 -19.37 10.94
N SER A 58 -9.50 -20.68 11.18
CA SER A 58 -8.40 -21.40 11.81
C SER A 58 -7.29 -21.61 10.77
N GLN A 59 -7.68 -21.51 9.51
CA GLN A 59 -6.77 -21.67 8.38
C GLN A 59 -6.27 -20.31 7.90
N GLY A 60 -6.60 -19.25 8.64
CA GLY A 60 -6.17 -17.91 8.29
C GLY A 60 -6.89 -17.21 7.16
N ALA A 61 -7.89 -17.87 6.58
CA ALA A 61 -8.65 -17.33 5.48
C ALA A 61 -9.04 -15.88 5.72
N HIS A 62 -9.37 -15.55 6.95
CA HIS A 62 -9.80 -14.19 7.23
C HIS A 62 -8.76 -13.12 6.98
N ARG A 63 -7.48 -13.47 7.10
CA ARG A 63 -6.43 -12.47 6.90
C ARG A 63 -6.49 -11.81 5.52
N ALA A 64 -7.17 -12.44 4.58
CA ALA A 64 -7.27 -11.86 3.25
C ALA A 64 -8.42 -10.85 3.18
N GLY A 65 -9.43 -11.04 4.02
CA GLY A 65 -10.56 -10.15 4.04
C GLY A 65 -11.70 -10.77 3.25
N LEU A 66 -11.32 -11.67 2.35
CA LEU A 66 -12.30 -12.33 1.48
C LEU A 66 -11.93 -13.82 1.31
N ALA A 67 -12.93 -14.67 1.25
CA ALA A 67 -12.70 -16.11 1.08
C ALA A 67 -13.82 -16.70 0.23
N LYS A 68 -13.49 -17.72 -0.57
CA LYS A 68 -14.50 -18.35 -1.43
C LYS A 68 -14.81 -19.76 -0.93
N VAL A 69 -16.07 -20.14 -0.99
CA VAL A 69 -16.46 -21.47 -0.56
C VAL A 69 -17.49 -22.06 -1.51
N VAL A 70 -17.06 -23.02 -2.32
CA VAL A 70 -17.94 -23.68 -3.27
C VAL A 70 -18.59 -24.87 -2.57
N PRO A 71 -19.93 -24.87 -2.52
CA PRO A 71 -20.72 -25.93 -1.88
C PRO A 71 -20.43 -27.32 -2.43
N PRO A 72 -20.86 -28.37 -1.71
CA PRO A 72 -20.63 -29.74 -2.18
C PRO A 72 -21.37 -29.89 -3.50
N LYS A 73 -20.78 -30.65 -4.42
CA LYS A 73 -21.35 -30.87 -5.75
C LYS A 73 -22.86 -31.15 -5.68
N GLU A 74 -23.29 -31.78 -4.59
CA GLU A 74 -24.70 -32.14 -4.38
C GLU A 74 -25.64 -30.96 -4.14
N TRP A 75 -25.31 -30.16 -3.13
CA TRP A 75 -26.23 -29.18 -2.60
C TRP A 75 -26.71 -28.14 -3.58
N LYS A 76 -28.00 -27.87 -3.47
CA LYS A 76 -28.73 -26.89 -4.28
C LYS A 76 -29.76 -26.16 -3.40
N PRO A 77 -29.83 -24.82 -3.50
CA PRO A 77 -30.76 -24.01 -2.72
C PRO A 77 -32.17 -23.86 -3.28
N ARG A 78 -32.32 -24.02 -4.59
CA ARG A 78 -33.62 -23.91 -5.23
C ARG A 78 -33.71 -24.92 -6.37
N ALA A 79 -34.95 -25.31 -6.69
CA ALA A 79 -35.24 -26.27 -7.75
C ALA A 79 -35.04 -25.65 -9.13
N SER A 80 -35.77 -24.57 -9.41
CA SER A 80 -35.68 -23.87 -10.70
C SER A 80 -35.89 -22.37 -10.57
N TYR A 81 -35.21 -21.61 -11.41
CA TYR A 81 -35.33 -20.15 -11.42
C TYR A 81 -36.15 -19.75 -12.65
N ASP A 82 -37.09 -20.61 -13.01
CA ASP A 82 -37.93 -20.38 -14.19
C ASP A 82 -39.24 -19.66 -13.84
N ASP A 83 -39.32 -19.12 -12.63
CA ASP A 83 -40.53 -18.44 -12.18
C ASP A 83 -40.29 -16.99 -11.79
N ILE A 84 -39.02 -16.63 -11.59
CA ILE A 84 -38.65 -15.29 -11.17
C ILE A 84 -38.88 -14.18 -12.18
N ASP A 85 -39.01 -14.54 -13.46
CA ASP A 85 -39.23 -13.55 -14.50
C ASP A 85 -40.34 -12.56 -14.12
N ASP A 86 -41.29 -13.00 -13.30
CA ASP A 86 -42.38 -12.12 -12.90
C ASP A 86 -42.02 -11.31 -11.66
N LEU A 87 -40.97 -11.72 -10.96
CA LEU A 87 -40.53 -11.02 -9.75
C LEU A 87 -40.24 -9.55 -10.05
N VAL A 88 -40.61 -8.70 -9.11
CA VAL A 88 -40.43 -7.27 -9.30
C VAL A 88 -39.31 -6.59 -8.50
N ILE A 89 -38.68 -5.62 -9.15
CA ILE A 89 -37.60 -4.84 -8.56
C ILE A 89 -38.12 -3.44 -8.28
N PRO A 90 -38.56 -3.18 -7.04
CA PRO A 90 -39.11 -1.88 -6.65
C PRO A 90 -38.31 -0.64 -7.02
N ALA A 91 -36.99 -0.72 -6.96
CA ALA A 91 -36.17 0.45 -7.25
C ALA A 91 -34.83 0.17 -7.90
N PRO A 92 -34.82 -0.13 -9.20
CA PRO A 92 -33.54 -0.39 -9.86
C PRO A 92 -32.79 0.94 -9.95
N ILE A 93 -31.46 0.89 -10.02
CA ILE A 93 -30.71 2.14 -10.09
C ILE A 93 -29.78 2.21 -11.28
N GLN A 94 -29.65 3.41 -11.84
CA GLN A 94 -28.75 3.61 -12.96
C GLN A 94 -27.44 4.12 -12.37
N GLN A 95 -26.33 3.43 -12.71
CA GLN A 95 -25.01 3.79 -12.17
C GLN A 95 -24.17 4.75 -13.04
N LEU A 96 -24.20 6.03 -12.69
CA LEU A 96 -23.40 7.03 -13.39
C LEU A 96 -22.06 7.18 -12.70
N VAL A 97 -21.01 6.84 -13.43
CA VAL A 97 -19.67 6.91 -12.90
C VAL A 97 -18.90 8.07 -13.51
N THR A 98 -18.28 8.86 -12.64
CA THR A 98 -17.51 10.02 -13.05
C THR A 98 -16.09 9.94 -12.51
N GLY A 99 -15.13 10.26 -13.35
CA GLY A 99 -13.73 10.23 -12.93
C GLY A 99 -12.77 9.96 -14.06
N GLN A 100 -11.51 9.77 -13.68
CA GLN A 100 -10.45 9.51 -14.66
C GLN A 100 -9.23 8.90 -13.96
N SER A 101 -8.39 8.25 -14.76
CA SER A 101 -7.15 7.64 -14.31
C SER A 101 -7.21 6.86 -13.00
N GLY A 102 -8.09 5.87 -12.94
CA GLY A 102 -8.20 5.06 -11.74
C GLY A 102 -9.04 5.56 -10.59
N LEU A 103 -9.48 6.81 -10.58
CA LEU A 103 -10.31 7.31 -9.47
C LEU A 103 -11.68 7.77 -9.93
N PHE A 104 -12.75 7.15 -9.40
CA PHE A 104 -14.09 7.53 -9.80
C PHE A 104 -15.09 7.59 -8.66
N THR A 105 -16.11 8.40 -8.85
CA THR A 105 -17.21 8.54 -7.89
C THR A 105 -18.48 8.12 -8.63
N GLN A 106 -19.20 7.19 -8.06
CA GLN A 106 -20.42 6.69 -8.68
C GLN A 106 -21.67 7.30 -8.07
N TYR A 107 -22.53 7.82 -8.94
CA TYR A 107 -23.80 8.42 -8.49
C TYR A 107 -24.94 7.48 -8.82
N ASN A 108 -25.99 7.52 -8.00
CA ASN A 108 -27.13 6.64 -8.22
C ASN A 108 -28.38 7.39 -8.67
N ILE A 109 -28.93 6.95 -9.81
CA ILE A 109 -30.17 7.55 -10.33
C ILE A 109 -31.21 6.44 -10.21
N GLN A 110 -32.13 6.58 -9.25
CA GLN A 110 -33.15 5.56 -9.06
C GLN A 110 -34.17 5.56 -10.20
N LYS A 111 -34.39 4.38 -10.77
CA LYS A 111 -35.32 4.24 -11.89
C LYS A 111 -36.71 3.76 -11.45
N LYS A 112 -37.50 3.35 -12.42
CA LYS A 112 -38.85 2.86 -12.15
C LYS A 112 -38.86 1.35 -11.99
N ALA A 113 -39.77 0.87 -11.15
CA ALA A 113 -39.93 -0.56 -10.88
C ALA A 113 -40.00 -1.35 -12.18
N MET A 114 -39.50 -2.58 -12.16
CA MET A 114 -39.50 -3.43 -13.35
C MET A 114 -39.27 -4.87 -12.94
N THR A 115 -39.72 -5.81 -13.78
CA THR A 115 -39.58 -7.22 -13.49
C THR A 115 -38.24 -7.76 -13.95
N VAL A 116 -37.91 -8.97 -13.49
CA VAL A 116 -36.66 -9.61 -13.87
C VAL A 116 -36.65 -9.83 -15.38
N ARG A 117 -37.84 -9.93 -15.96
CA ARG A 117 -37.97 -10.13 -17.40
C ARG A 117 -37.59 -8.83 -18.08
N GLU A 118 -38.27 -7.75 -17.71
CA GLU A 118 -38.00 -6.43 -18.27
C GLU A 118 -36.50 -6.16 -18.15
N PHE A 119 -35.93 -6.51 -17.00
CA PHE A 119 -34.51 -6.32 -16.71
C PHE A 119 -33.60 -7.17 -17.60
N ARG A 120 -33.91 -8.45 -17.72
CA ARG A 120 -33.10 -9.35 -18.55
C ARG A 120 -33.04 -8.90 -20.00
N LYS A 121 -34.15 -8.38 -20.52
CA LYS A 121 -34.21 -7.91 -21.90
C LYS A 121 -33.29 -6.71 -22.07
N ILE A 122 -33.38 -5.77 -21.14
CA ILE A 122 -32.56 -4.59 -21.17
C ILE A 122 -31.10 -4.93 -20.92
N ALA A 123 -30.86 -5.92 -20.07
CA ALA A 123 -29.50 -6.32 -19.75
C ALA A 123 -28.85 -7.10 -20.88
N ASN A 124 -29.67 -7.77 -21.68
CA ASN A 124 -29.16 -8.58 -22.79
C ASN A 124 -29.16 -7.85 -24.12
N SER A 125 -29.82 -6.70 -24.17
CA SER A 125 -29.88 -5.94 -25.40
C SER A 125 -28.45 -5.68 -25.88
N ASP A 126 -28.33 -5.11 -27.07
CA ASP A 126 -27.03 -4.83 -27.67
C ASP A 126 -26.27 -3.72 -26.96
N LYS A 127 -27.02 -2.77 -26.39
CA LYS A 127 -26.40 -1.64 -25.71
C LYS A 127 -25.70 -1.99 -24.40
N TYR A 128 -26.37 -2.78 -23.56
CA TYR A 128 -25.83 -3.17 -22.27
C TYR A 128 -25.26 -4.58 -22.22
N CYS A 129 -25.10 -5.19 -23.39
CA CYS A 129 -24.58 -6.56 -23.47
C CYS A 129 -23.10 -6.67 -23.07
N THR A 130 -22.65 -7.90 -22.81
CA THR A 130 -21.26 -8.13 -22.41
C THR A 130 -20.31 -8.18 -23.60
N PRO A 131 -19.18 -7.46 -23.52
CA PRO A 131 -18.18 -7.42 -24.59
C PRO A 131 -17.53 -8.78 -24.82
N ARG A 132 -16.98 -8.99 -26.01
CA ARG A 132 -16.31 -10.24 -26.34
C ARG A 132 -14.89 -10.19 -25.81
N TYR A 133 -14.42 -11.30 -25.23
CA TYR A 133 -13.08 -11.35 -24.67
C TYR A 133 -12.56 -12.77 -24.55
N SER A 134 -11.27 -12.88 -24.29
CA SER A 134 -10.62 -14.17 -24.13
C SER A 134 -10.28 -14.42 -22.67
N GLU A 135 -9.13 -13.91 -22.24
CA GLU A 135 -8.70 -14.04 -20.86
C GLU A 135 -9.42 -12.99 -20.01
N PHE A 136 -9.59 -13.28 -18.72
CA PHE A 136 -10.27 -12.36 -17.81
C PHE A 136 -9.61 -10.99 -17.80
N GLU A 137 -8.28 -10.98 -17.89
CA GLU A 137 -7.54 -9.73 -17.90
C GLU A 137 -8.01 -8.80 -19.01
N GLU A 138 -8.82 -9.33 -19.93
CA GLU A 138 -9.33 -8.54 -21.06
C GLU A 138 -10.59 -7.81 -20.65
N LEU A 139 -11.54 -8.55 -20.08
CA LEU A 139 -12.79 -7.95 -19.62
C LEU A 139 -12.46 -6.94 -18.53
N GLU A 140 -11.43 -7.25 -17.74
CA GLU A 140 -11.00 -6.37 -16.66
C GLU A 140 -10.55 -5.00 -17.21
N ARG A 141 -9.66 -4.99 -18.20
CA ARG A 141 -9.20 -3.74 -18.79
C ARG A 141 -10.34 -3.03 -19.50
N LYS A 142 -11.27 -3.80 -20.06
CA LYS A 142 -12.41 -3.20 -20.75
C LYS A 142 -13.35 -2.54 -19.74
N TYR A 143 -13.41 -3.11 -18.55
CA TYR A 143 -14.25 -2.57 -17.47
C TYR A 143 -13.71 -1.22 -16.99
N TRP A 144 -12.43 -1.19 -16.62
CA TRP A 144 -11.80 0.04 -16.14
C TRP A 144 -11.60 1.08 -17.22
N LYS A 145 -11.98 0.72 -18.45
CA LYS A 145 -11.82 1.63 -19.57
C LYS A 145 -13.13 2.29 -19.93
N ASN A 146 -14.23 1.59 -19.69
CA ASN A 146 -15.53 2.12 -20.06
C ASN A 146 -16.54 2.31 -18.93
N LEU A 147 -16.13 2.16 -17.68
CA LEU A 147 -17.10 2.28 -16.59
C LEU A 147 -17.77 3.65 -16.49
N THR A 148 -17.24 4.66 -17.17
CA THR A 148 -17.84 5.99 -17.14
C THR A 148 -18.80 6.18 -18.31
N PHE A 149 -18.87 5.21 -19.22
CA PHE A 149 -19.74 5.34 -20.39
C PHE A 149 -20.95 4.42 -20.33
N ASN A 150 -22.00 4.79 -21.08
CA ASN A 150 -23.23 3.99 -21.15
C ASN A 150 -23.62 3.43 -19.77
N PRO A 151 -23.98 4.31 -18.82
CA PRO A 151 -24.37 3.91 -17.46
C PRO A 151 -25.43 2.82 -17.39
N PRO A 152 -25.05 1.66 -16.83
CA PRO A 152 -25.93 0.49 -16.67
C PRO A 152 -26.99 0.60 -15.57
N ILE A 153 -27.83 -0.42 -15.47
CA ILE A 153 -28.89 -0.47 -14.47
C ILE A 153 -28.54 -1.62 -13.53
N TYR A 154 -28.86 -1.46 -12.25
CA TYR A 154 -28.57 -2.51 -11.28
C TYR A 154 -29.83 -2.81 -10.49
N GLY A 155 -30.19 -4.08 -10.43
CA GLY A 155 -31.37 -4.48 -9.68
C GLY A 155 -30.88 -4.82 -8.29
N ALA A 156 -30.52 -3.79 -7.53
CA ALA A 156 -29.97 -3.95 -6.19
C ALA A 156 -30.93 -3.66 -5.03
N ASP A 157 -30.58 -4.22 -3.86
CA ASP A 157 -31.35 -4.07 -2.63
C ASP A 157 -32.78 -4.59 -2.72
N VAL A 158 -32.95 -5.71 -3.41
CA VAL A 158 -34.26 -6.31 -3.58
C VAL A 158 -34.59 -7.19 -2.37
N ASN A 159 -35.57 -6.74 -1.58
CA ASN A 159 -35.98 -7.47 -0.39
C ASN A 159 -36.54 -8.82 -0.76
N GLY A 160 -35.84 -9.88 -0.36
CA GLY A 160 -36.30 -11.21 -0.67
C GLY A 160 -35.20 -12.25 -0.63
N THR A 161 -35.59 -13.51 -0.86
CA THR A 161 -34.67 -14.62 -0.87
C THR A 161 -35.07 -15.61 -1.95
N LEU A 162 -34.12 -16.42 -2.41
CA LEU A 162 -34.43 -17.42 -3.42
C LEU A 162 -34.31 -18.82 -2.84
N TYR A 163 -33.82 -18.92 -1.60
CA TYR A 163 -33.68 -20.23 -0.95
C TYR A 163 -35.04 -20.86 -0.71
N GLU A 164 -35.12 -22.18 -0.85
CA GLU A 164 -36.35 -22.92 -0.63
C GLU A 164 -36.52 -23.13 0.89
N LYS A 165 -37.69 -22.75 1.40
CA LYS A 165 -37.99 -22.85 2.83
C LYS A 165 -37.55 -24.13 3.56
N HIS A 166 -37.19 -25.17 2.82
CA HIS A 166 -36.80 -26.41 3.45
C HIS A 166 -35.29 -26.67 3.48
N VAL A 167 -34.50 -25.73 2.96
CA VAL A 167 -33.05 -25.88 2.93
C VAL A 167 -32.46 -25.49 4.30
N ASP A 168 -31.68 -26.39 4.88
CA ASP A 168 -31.07 -26.16 6.19
C ASP A 168 -29.58 -25.93 6.17
N GLU A 169 -29.02 -25.77 4.96
CA GLU A 169 -27.60 -25.52 4.83
C GLU A 169 -27.37 -24.13 4.26
N TRP A 170 -26.57 -23.33 4.96
CA TRP A 170 -26.26 -21.98 4.51
C TRP A 170 -27.44 -21.20 3.93
N ASN A 171 -28.56 -21.20 4.64
CA ASN A 171 -29.72 -20.46 4.19
C ASN A 171 -29.57 -19.02 4.67
N ILE A 172 -29.26 -18.12 3.73
CA ILE A 172 -29.06 -16.71 4.02
C ILE A 172 -30.20 -16.11 4.84
N GLY A 173 -31.35 -16.77 4.82
CA GLY A 173 -32.49 -16.28 5.58
C GLY A 173 -32.36 -16.60 7.05
N ARG A 174 -31.70 -17.71 7.37
CA ARG A 174 -31.53 -18.11 8.75
C ARG A 174 -30.21 -18.83 8.94
N LEU A 175 -29.16 -18.05 9.16
CA LEU A 175 -27.82 -18.60 9.36
C LEU A 175 -27.59 -19.00 10.82
N ARG A 176 -28.39 -18.45 11.71
CA ARG A 176 -28.29 -18.75 13.14
C ARG A 176 -26.95 -18.34 13.76
N THR A 177 -26.55 -17.08 13.62
CA THR A 177 -25.29 -16.61 14.22
C THR A 177 -25.65 -15.65 15.35
N ILE A 178 -24.64 -15.19 16.10
CA ILE A 178 -24.93 -14.28 17.20
C ILE A 178 -25.49 -12.93 16.77
N LEU A 179 -25.56 -12.68 15.46
CA LEU A 179 -26.12 -11.44 14.97
C LEU A 179 -27.63 -11.46 15.20
N ASP A 180 -28.19 -12.65 15.40
CA ASP A 180 -29.62 -12.76 15.63
C ASP A 180 -29.98 -12.11 16.95
N LEU A 181 -28.97 -11.80 17.75
CA LEU A 181 -29.20 -11.19 19.05
C LEU A 181 -29.89 -9.84 18.90
N VAL A 182 -29.58 -9.12 17.82
CA VAL A 182 -30.17 -7.81 17.58
C VAL A 182 -31.69 -7.85 17.51
N GLU A 183 -32.21 -8.74 16.68
CA GLU A 183 -33.64 -8.87 16.51
C GLU A 183 -34.29 -9.49 17.77
N LYS A 184 -33.63 -10.50 18.34
CA LYS A 184 -34.17 -11.16 19.54
C LYS A 184 -34.40 -10.20 20.72
N GLU A 185 -33.42 -9.35 20.99
CA GLU A 185 -33.50 -8.41 22.11
C GLU A 185 -34.33 -7.16 21.83
N SER A 186 -34.17 -6.55 20.66
CA SER A 186 -34.91 -5.33 20.35
C SER A 186 -36.05 -5.47 19.34
N GLY A 187 -36.05 -6.56 18.57
CA GLY A 187 -37.09 -6.73 17.58
C GLY A 187 -36.75 -5.92 16.35
N ILE A 188 -35.60 -5.25 16.38
CA ILE A 188 -35.19 -4.41 15.26
C ILE A 188 -34.71 -5.14 14.01
N THR A 189 -35.24 -4.72 12.86
CA THR A 189 -34.87 -5.31 11.59
C THR A 189 -34.16 -4.30 10.70
N ILE A 190 -33.04 -4.71 10.12
CA ILE A 190 -32.24 -3.83 9.26
C ILE A 190 -32.08 -4.53 7.91
N GLU A 191 -32.97 -4.19 6.98
CA GLU A 191 -32.97 -4.77 5.64
C GLU A 191 -31.60 -4.95 5.00
N GLY A 192 -31.33 -6.18 4.57
CA GLY A 192 -30.06 -6.45 3.96
C GLY A 192 -28.99 -6.83 4.96
N VAL A 193 -29.15 -6.44 6.22
CA VAL A 193 -28.15 -6.79 7.25
C VAL A 193 -28.54 -8.05 8.00
N ASN A 194 -29.69 -8.02 8.66
CA ASN A 194 -30.16 -9.21 9.36
C ASN A 194 -31.38 -9.79 8.64
N THR A 195 -31.44 -9.53 7.33
CA THR A 195 -32.47 -9.99 6.39
C THR A 195 -31.77 -10.05 5.03
N PRO A 196 -32.21 -10.96 4.13
CA PRO A 196 -31.61 -11.13 2.79
C PRO A 196 -31.93 -10.09 1.71
N TYR A 197 -30.95 -9.81 0.87
CA TYR A 197 -31.08 -8.88 -0.23
C TYR A 197 -30.75 -9.63 -1.51
N LEU A 198 -31.46 -9.29 -2.57
CA LEU A 198 -31.24 -9.90 -3.87
C LEU A 198 -30.67 -8.83 -4.80
N TYR A 199 -29.66 -9.19 -5.58
CA TYR A 199 -29.04 -8.26 -6.52
C TYR A 199 -29.03 -8.81 -7.94
N PHE A 200 -29.81 -8.18 -8.81
CA PHE A 200 -29.85 -8.61 -10.20
C PHE A 200 -28.82 -7.79 -10.98
N GLY A 201 -27.75 -8.46 -11.39
CA GLY A 201 -26.67 -7.81 -12.10
C GLY A 201 -26.82 -7.65 -13.60
N MET A 202 -25.92 -6.83 -14.15
CA MET A 202 -25.88 -6.53 -15.57
C MET A 202 -24.41 -6.23 -15.81
N TRP A 203 -23.97 -6.28 -17.06
CA TRP A 203 -22.57 -5.99 -17.34
C TRP A 203 -22.20 -4.57 -16.93
N LYS A 204 -21.02 -4.44 -16.32
CA LYS A 204 -20.50 -3.15 -15.88
C LYS A 204 -21.17 -2.57 -14.63
N THR A 205 -22.05 -3.34 -13.99
CA THR A 205 -22.66 -2.84 -12.76
C THR A 205 -21.57 -3.10 -11.73
N SER A 206 -21.45 -2.25 -10.74
CA SER A 206 -20.38 -2.47 -9.78
C SER A 206 -20.65 -2.03 -8.34
N PHE A 207 -19.81 -2.52 -7.43
CA PHE A 207 -19.92 -2.12 -6.03
C PHE A 207 -18.60 -1.47 -5.62
N ALA A 208 -18.71 -0.28 -5.06
CA ALA A 208 -17.57 0.51 -4.63
C ALA A 208 -16.82 -0.12 -3.45
N TRP A 209 -15.65 0.43 -3.15
CA TRP A 209 -14.83 -0.05 -2.04
C TRP A 209 -15.56 0.25 -0.74
N HIS A 210 -15.61 -0.74 0.15
CA HIS A 210 -16.31 -0.56 1.42
C HIS A 210 -16.16 -1.76 2.36
N THR A 211 -16.40 -1.52 3.64
CA THR A 211 -16.40 -2.59 4.63
C THR A 211 -17.88 -2.73 4.94
N GLU A 212 -18.29 -3.87 5.48
CA GLU A 212 -19.69 -4.04 5.78
C GLU A 212 -20.15 -3.06 6.87
N ASP A 213 -21.46 -2.86 6.97
CA ASP A 213 -21.98 -1.97 8.00
C ASP A 213 -21.58 -2.53 9.36
N MET A 214 -21.17 -1.64 10.27
CA MET A 214 -20.76 -2.04 11.61
C MET A 214 -19.56 -3.00 11.53
N ASP A 215 -18.94 -3.02 10.35
CA ASP A 215 -17.81 -3.89 10.07
C ASP A 215 -18.14 -5.36 10.34
N LEU A 216 -19.36 -5.75 9.99
CA LEU A 216 -19.83 -7.13 10.18
C LEU A 216 -19.25 -8.06 9.12
N TYR A 217 -19.63 -9.34 9.20
CA TYR A 217 -19.19 -10.32 8.24
C TYR A 217 -20.20 -10.24 7.11
N SER A 218 -19.91 -10.90 6.01
CA SER A 218 -20.83 -10.85 4.91
C SER A 218 -20.80 -12.18 4.15
N ILE A 219 -21.96 -12.59 3.67
CA ILE A 219 -22.08 -13.81 2.89
C ILE A 219 -22.76 -13.48 1.56
N ASN A 220 -22.18 -13.90 0.45
CA ASN A 220 -22.76 -13.64 -0.87
C ASN A 220 -22.82 -14.93 -1.69
N TYR A 221 -24.00 -15.26 -2.19
CA TYR A 221 -24.19 -16.46 -3.00
C TYR A 221 -24.71 -16.08 -4.38
N LEU A 222 -24.04 -16.56 -5.43
CA LEU A 222 -24.46 -16.26 -6.79
C LEU A 222 -25.38 -17.38 -7.29
N HIS A 223 -26.67 -17.08 -7.38
CA HIS A 223 -27.66 -18.07 -7.82
C HIS A 223 -27.52 -18.52 -9.27
N PHE A 224 -27.30 -17.58 -10.18
CA PHE A 224 -27.16 -17.90 -11.60
C PHE A 224 -26.65 -16.69 -12.39
N GLY A 225 -26.34 -16.91 -13.66
CA GLY A 225 -25.89 -15.81 -14.50
C GLY A 225 -24.39 -15.76 -14.71
N GLU A 226 -23.94 -14.62 -15.24
CA GLU A 226 -22.52 -14.42 -15.51
C GLU A 226 -21.73 -14.14 -14.23
N PRO A 227 -20.41 -14.31 -14.27
CA PRO A 227 -19.56 -14.09 -13.11
C PRO A 227 -19.64 -12.72 -12.46
N LYS A 228 -19.11 -12.64 -11.24
CA LYS A 228 -19.05 -11.40 -10.46
C LYS A 228 -17.63 -11.38 -9.91
N SER A 229 -16.82 -10.42 -10.36
CA SER A 229 -15.44 -10.33 -9.90
C SER A 229 -15.28 -9.47 -8.65
N TRP A 230 -14.31 -9.83 -7.83
CA TRP A 230 -14.03 -9.16 -6.57
C TRP A 230 -12.59 -8.71 -6.41
N TYR A 231 -12.42 -7.65 -5.63
CA TYR A 231 -11.12 -7.10 -5.28
C TYR A 231 -11.20 -7.00 -3.75
N SER A 232 -10.11 -7.33 -3.05
CA SER A 232 -10.13 -7.25 -1.59
C SER A 232 -8.82 -6.74 -1.01
N VAL A 233 -8.91 -6.04 0.11
CA VAL A 233 -7.74 -5.52 0.79
C VAL A 233 -7.71 -6.17 2.18
N PRO A 234 -6.54 -6.70 2.57
CA PRO A 234 -6.42 -7.35 3.88
C PRO A 234 -6.79 -6.41 5.04
N PRO A 235 -7.59 -6.90 6.00
CA PRO A 235 -8.02 -6.10 7.15
C PRO A 235 -6.85 -5.46 7.86
N GLU A 236 -5.70 -6.13 7.82
CA GLU A 236 -4.50 -5.59 8.47
C GLU A 236 -3.87 -4.46 7.67
N HIS A 237 -4.40 -4.20 6.48
CA HIS A 237 -3.88 -3.12 5.64
C HIS A 237 -4.99 -2.13 5.29
N GLY A 238 -6.17 -2.37 5.84
CA GLY A 238 -7.30 -1.49 5.58
C GLY A 238 -7.03 -0.03 5.83
N LYS A 239 -6.41 0.27 6.95
CA LYS A 239 -6.11 1.66 7.29
C LYS A 239 -5.30 2.35 6.21
N ARG A 240 -4.42 1.61 5.54
CA ARG A 240 -3.62 2.22 4.47
C ARG A 240 -4.55 2.62 3.33
N LEU A 241 -5.51 1.76 3.00
CA LEU A 241 -6.44 2.09 1.94
C LEU A 241 -7.23 3.35 2.27
N GLU A 242 -7.71 3.50 3.52
CA GLU A 242 -8.47 4.70 3.87
C GLU A 242 -7.58 5.95 3.82
N ARG A 243 -6.30 5.81 4.15
CA ARG A 243 -5.41 6.97 4.11
C ARG A 243 -5.29 7.45 2.67
N LEU A 244 -5.22 6.49 1.74
CA LEU A 244 -5.10 6.77 0.32
C LEU A 244 -6.39 7.42 -0.17
N ALA A 245 -7.52 6.83 0.23
CA ALA A 245 -8.80 7.37 -0.19
C ALA A 245 -8.99 8.81 0.33
N LYS A 246 -8.67 9.06 1.60
CA LYS A 246 -8.81 10.41 2.15
C LYS A 246 -7.94 11.43 1.41
N GLY A 247 -6.82 10.95 0.87
CA GLY A 247 -5.91 11.80 0.14
C GLY A 247 -6.44 12.17 -1.22
N PHE A 248 -7.07 11.22 -1.91
CA PHE A 248 -7.59 11.52 -3.23
C PHE A 248 -8.94 12.21 -3.17
N PHE A 249 -9.70 11.97 -2.11
CA PHE A 249 -11.01 12.61 -1.99
C PHE A 249 -11.10 13.43 -0.70
N PRO A 250 -10.24 14.46 -0.57
CA PRO A 250 -10.22 15.32 0.62
C PRO A 250 -11.55 15.99 0.96
N GLY A 251 -12.29 16.41 -0.06
CA GLY A 251 -13.57 17.04 0.20
C GLY A 251 -14.52 16.10 0.89
N SER A 252 -14.68 14.91 0.31
CA SER A 252 -15.58 13.91 0.86
C SER A 252 -15.11 13.51 2.26
N ALA A 253 -13.80 13.37 2.43
CA ALA A 253 -13.23 12.99 3.71
C ALA A 253 -13.54 14.03 4.79
N GLN A 254 -13.46 15.30 4.44
CA GLN A 254 -13.73 16.36 5.40
C GLN A 254 -15.21 16.38 5.78
N SER A 255 -16.09 16.05 4.84
CA SER A 255 -17.52 16.06 5.11
C SER A 255 -18.01 14.88 5.93
N CYS A 256 -17.24 13.80 5.94
CA CYS A 256 -17.66 12.62 6.68
C CYS A 256 -16.51 11.75 7.18
N GLU A 257 -16.61 11.35 8.43
CA GLU A 257 -15.58 10.52 9.07
C GLU A 257 -15.36 9.17 8.42
N ALA A 258 -16.28 8.79 7.54
CA ALA A 258 -16.20 7.51 6.86
C ALA A 258 -16.97 7.52 5.55
N PHE A 259 -16.62 8.46 4.67
CA PHE A 259 -17.30 8.59 3.38
C PHE A 259 -17.29 7.32 2.54
N LEU A 260 -16.31 6.45 2.75
CA LEU A 260 -16.29 5.21 1.98
C LEU A 260 -17.54 4.38 2.24
N ARG A 261 -18.20 4.58 3.38
CA ARG A 261 -19.43 3.81 3.66
C ARG A 261 -20.59 4.21 2.76
N HIS A 262 -20.40 5.28 1.99
CA HIS A 262 -21.41 5.76 1.07
C HIS A 262 -21.46 4.85 -0.15
N LYS A 263 -20.41 4.08 -0.33
CA LYS A 263 -20.31 3.15 -1.45
C LYS A 263 -20.36 3.84 -2.81
N MET A 264 -19.66 4.97 -2.91
CA MET A 264 -19.62 5.73 -4.14
C MET A 264 -18.22 5.83 -4.71
N THR A 265 -17.25 5.34 -3.94
CA THR A 265 -15.87 5.43 -4.38
C THR A 265 -15.29 4.19 -4.99
N LEU A 266 -14.79 4.36 -6.21
CA LEU A 266 -14.17 3.27 -6.96
C LEU A 266 -12.70 3.62 -7.19
N ILE A 267 -11.84 2.63 -7.01
CA ILE A 267 -10.40 2.81 -7.19
C ILE A 267 -9.85 1.57 -7.88
N SER A 268 -9.22 1.76 -9.04
CA SER A 268 -8.70 0.63 -9.79
C SER A 268 -7.48 -0.03 -9.15
N PRO A 269 -7.18 -1.28 -9.57
CA PRO A 269 -6.05 -2.05 -9.06
C PRO A 269 -4.72 -1.35 -9.31
N LEU A 270 -4.54 -0.83 -10.51
CA LEU A 270 -3.30 -0.14 -10.85
C LEU A 270 -3.08 0.97 -9.85
N MET A 271 -4.14 1.69 -9.53
CA MET A 271 -3.99 2.79 -8.61
C MET A 271 -3.54 2.29 -7.25
N LEU A 272 -4.01 1.10 -6.86
CA LEU A 272 -3.61 0.53 -5.57
C LEU A 272 -2.16 0.09 -5.66
N LYS A 273 -1.79 -0.54 -6.77
CA LYS A 273 -0.41 -0.98 -6.96
C LYS A 273 0.54 0.19 -6.94
N LYS A 274 0.16 1.25 -7.64
CA LYS A 274 0.96 2.46 -7.73
C LYS A 274 1.27 3.04 -6.36
N TYR A 275 0.41 2.80 -5.38
CA TYR A 275 0.63 3.31 -4.04
C TYR A 275 0.86 2.24 -2.98
N GLY A 276 1.35 1.09 -3.41
CA GLY A 276 1.65 0.00 -2.49
C GLY A 276 0.56 -0.49 -1.57
N ILE A 277 -0.66 -0.61 -2.09
CA ILE A 277 -1.76 -1.11 -1.27
C ILE A 277 -1.93 -2.60 -1.57
N PRO A 278 -1.65 -3.47 -0.60
CA PRO A 278 -1.81 -4.92 -0.81
C PRO A 278 -3.26 -5.27 -1.13
N PHE A 279 -3.47 -6.10 -2.14
CA PHE A 279 -4.83 -6.50 -2.51
C PHE A 279 -4.80 -7.81 -3.31
N ASP A 280 -5.96 -8.47 -3.43
CA ASP A 280 -6.04 -9.72 -4.15
C ASP A 280 -7.30 -9.70 -5.00
N LYS A 281 -7.37 -10.57 -6.01
CA LYS A 281 -8.52 -10.63 -6.91
C LYS A 281 -9.14 -12.03 -6.88
N VAL A 282 -10.39 -12.12 -7.29
CA VAL A 282 -11.06 -13.42 -7.34
C VAL A 282 -12.36 -13.24 -8.11
N THR A 283 -12.76 -14.27 -8.86
CA THR A 283 -13.98 -14.22 -9.65
C THR A 283 -14.99 -15.24 -9.12
N GLN A 284 -16.21 -14.77 -8.87
CA GLN A 284 -17.25 -15.62 -8.33
C GLN A 284 -18.26 -16.08 -9.39
N GLU A 285 -18.22 -17.35 -9.76
CA GLU A 285 -19.18 -17.84 -10.74
C GLU A 285 -20.36 -18.49 -10.02
N ALA A 286 -21.48 -18.60 -10.73
CA ALA A 286 -22.74 -18.99 -10.12
C ALA A 286 -22.64 -20.36 -9.46
N GLY A 287 -23.23 -20.44 -8.27
CA GLY A 287 -23.21 -21.63 -7.45
C GLY A 287 -22.12 -21.55 -6.41
N GLU A 288 -21.34 -20.47 -6.40
CA GLU A 288 -20.26 -20.33 -5.43
C GLU A 288 -20.60 -19.28 -4.35
N PHE A 289 -20.02 -19.46 -3.18
CA PHE A 289 -20.23 -18.55 -2.06
C PHE A 289 -19.03 -17.63 -1.88
N MET A 290 -19.28 -16.43 -1.38
CA MET A 290 -18.21 -15.48 -1.09
C MET A 290 -18.43 -15.03 0.35
N ILE A 291 -17.36 -14.98 1.12
CA ILE A 291 -17.43 -14.54 2.51
C ILE A 291 -16.44 -13.39 2.72
N THR A 292 -16.93 -12.26 3.25
CA THR A 292 -16.06 -11.12 3.54
C THR A 292 -15.99 -11.11 5.06
N PHE A 293 -14.84 -10.74 5.59
CA PHE A 293 -14.61 -10.71 7.03
C PHE A 293 -14.61 -9.29 7.60
N PRO A 294 -14.75 -9.16 8.93
CA PRO A 294 -14.74 -7.86 9.61
C PRO A 294 -13.61 -6.93 9.15
N TYR A 295 -13.97 -5.70 8.80
CA TYR A 295 -13.04 -4.68 8.34
C TYR A 295 -12.23 -5.03 7.08
N GLY A 296 -12.78 -5.92 6.27
CA GLY A 296 -12.10 -6.29 5.04
C GLY A 296 -12.70 -5.46 3.91
N TYR A 297 -11.90 -4.57 3.34
CA TYR A 297 -12.38 -3.74 2.24
C TYR A 297 -12.49 -4.55 0.97
N HIS A 298 -13.61 -4.38 0.25
CA HIS A 298 -13.83 -5.06 -1.01
C HIS A 298 -14.58 -4.23 -2.04
N ALA A 299 -14.45 -4.63 -3.30
CA ALA A 299 -15.07 -3.98 -4.43
C ALA A 299 -15.04 -4.91 -5.66
N GLY A 300 -15.84 -4.60 -6.66
CA GLY A 300 -15.87 -5.45 -7.84
C GLY A 300 -16.91 -5.00 -8.83
N PHE A 301 -17.26 -5.90 -9.75
CA PHE A 301 -18.23 -5.61 -10.79
C PHE A 301 -18.78 -6.90 -11.35
N ASN A 302 -19.95 -6.83 -11.97
CA ASN A 302 -20.58 -8.00 -12.57
C ASN A 302 -20.22 -8.15 -14.04
N HIS A 303 -20.07 -9.40 -14.48
CA HIS A 303 -19.74 -9.68 -15.87
C HIS A 303 -20.94 -9.50 -16.79
N GLY A 304 -22.12 -9.75 -16.25
CA GLY A 304 -23.33 -9.59 -17.05
C GLY A 304 -24.61 -9.76 -16.25
N PHE A 305 -25.56 -10.47 -16.84
CA PHE A 305 -26.84 -10.71 -16.18
C PHE A 305 -26.67 -11.84 -15.16
N ASN A 306 -27.05 -11.56 -13.91
CA ASN A 306 -26.97 -12.55 -12.85
C ASN A 306 -27.77 -12.15 -11.64
N CYS A 307 -27.87 -13.09 -10.69
CA CYS A 307 -28.59 -12.83 -9.46
C CYS A 307 -27.68 -13.20 -8.32
N ALA A 308 -27.73 -12.41 -7.25
CA ALA A 308 -26.92 -12.67 -6.06
C ALA A 308 -27.72 -12.40 -4.81
N GLU A 309 -27.48 -13.20 -3.77
CA GLU A 309 -28.16 -13.05 -2.48
C GLU A 309 -27.12 -12.81 -1.39
N SER A 310 -27.41 -11.89 -0.48
CA SER A 310 -26.46 -11.61 0.59
C SER A 310 -27.12 -11.07 1.85
N THR A 311 -26.36 -11.11 2.94
CA THR A 311 -26.79 -10.62 4.23
C THR A 311 -25.51 -10.60 5.07
N ASN A 312 -25.55 -9.96 6.23
CA ASN A 312 -24.38 -9.88 7.10
C ASN A 312 -24.58 -10.91 8.22
N PHE A 313 -23.52 -11.25 8.94
CA PHE A 313 -23.59 -12.17 10.07
C PHE A 313 -22.42 -11.88 11.01
N ALA A 314 -22.34 -12.55 12.15
CA ALA A 314 -21.24 -12.26 13.07
C ALA A 314 -20.74 -13.45 13.86
N THR A 315 -19.56 -13.30 14.44
CA THR A 315 -18.96 -14.33 15.29
C THR A 315 -18.48 -13.56 16.52
N ARG A 316 -18.15 -14.26 17.60
CA ARG A 316 -17.72 -13.57 18.82
C ARG A 316 -16.60 -12.57 18.54
N ARG A 317 -15.78 -12.87 17.54
CA ARG A 317 -14.66 -12.00 17.19
C ARG A 317 -15.11 -10.63 16.71
N TRP A 318 -16.25 -10.60 16.02
CA TRP A 318 -16.78 -9.34 15.49
C TRP A 318 -17.11 -8.29 16.55
N ILE A 319 -17.55 -8.72 17.72
CA ILE A 319 -17.91 -7.76 18.75
C ILE A 319 -16.95 -6.59 18.91
N GLU A 320 -15.65 -6.88 19.02
CA GLU A 320 -14.69 -5.80 19.19
C GLU A 320 -14.69 -4.88 17.98
N TYR A 321 -14.76 -5.46 16.78
CA TYR A 321 -14.80 -4.64 15.57
C TYR A 321 -16.01 -3.71 15.62
N GLY A 322 -17.15 -4.28 15.99
CA GLY A 322 -18.37 -3.50 16.09
C GLY A 322 -18.24 -2.33 17.07
N LYS A 323 -17.62 -2.57 18.21
CA LYS A 323 -17.43 -1.53 19.22
C LYS A 323 -16.55 -0.41 18.69
N GLN A 324 -15.58 -0.74 17.83
CA GLN A 324 -14.66 0.24 17.29
C GLN A 324 -14.95 0.75 15.87
N ALA A 325 -16.06 0.32 15.29
CA ALA A 325 -16.42 0.74 13.93
C ALA A 325 -16.64 2.24 13.80
N VAL A 326 -15.94 2.86 12.86
CA VAL A 326 -16.09 4.29 12.61
C VAL A 326 -17.27 4.42 11.64
N LEU A 327 -18.37 4.99 12.11
CA LEU A 327 -19.58 5.11 11.30
C LEU A 327 -19.79 6.41 10.55
N CYS A 328 -20.70 6.39 9.58
CA CYS A 328 -21.03 7.57 8.79
C CYS A 328 -21.70 8.61 9.67
N SER A 329 -21.19 9.83 9.61
CA SER A 329 -21.67 10.93 10.42
C SER A 329 -22.42 12.04 9.67
N CYS A 330 -22.70 11.83 8.40
CA CYS A 330 -23.38 12.86 7.63
C CYS A 330 -24.70 12.40 7.04
N ARG A 331 -25.13 11.20 7.41
CA ARG A 331 -26.41 10.70 6.90
C ARG A 331 -27.24 10.05 7.98
N LYS A 332 -28.53 10.38 7.98
CA LYS A 332 -29.51 9.81 8.89
C LYS A 332 -29.70 8.32 8.66
N ASP A 333 -29.66 7.93 7.39
CA ASP A 333 -29.96 6.59 6.94
C ASP A 333 -29.03 5.53 7.51
N MET A 334 -27.77 5.89 7.73
CA MET A 334 -26.73 4.91 8.00
C MET A 334 -27.01 4.02 9.21
N VAL A 335 -26.70 2.75 9.01
CA VAL A 335 -26.90 1.65 9.94
C VAL A 335 -26.05 1.80 11.20
N LYS A 336 -26.70 1.62 12.35
CA LYS A 336 -26.01 1.73 13.62
C LYS A 336 -26.62 0.75 14.61
N ILE A 337 -25.85 -0.27 14.94
CA ILE A 337 -26.28 -1.31 15.88
C ILE A 337 -25.75 -0.99 17.28
N SER A 338 -26.61 -1.19 18.29
CA SER A 338 -26.24 -0.97 19.70
C SER A 338 -25.42 -2.17 20.14
N MET A 339 -24.17 -1.93 20.54
CA MET A 339 -23.26 -2.99 20.97
C MET A 339 -23.50 -3.45 22.40
N ASP A 340 -24.21 -2.62 23.14
CA ASP A 340 -24.55 -2.86 24.54
C ASP A 340 -24.88 -4.30 24.91
N VAL A 341 -25.81 -4.88 24.17
CA VAL A 341 -26.24 -6.23 24.45
C VAL A 341 -25.16 -7.28 24.21
N PHE A 342 -24.26 -7.02 23.25
CA PHE A 342 -23.19 -7.98 22.97
C PHE A 342 -22.06 -7.92 23.98
N VAL A 343 -21.74 -6.71 24.44
CA VAL A 343 -20.67 -6.54 25.41
C VAL A 343 -21.13 -7.18 26.71
N ARG A 344 -22.39 -6.95 27.07
CA ARG A 344 -22.93 -7.51 28.30
C ARG A 344 -22.84 -9.02 28.34
N LYS A 345 -23.33 -9.66 27.28
CA LYS A 345 -23.36 -11.11 27.17
C LYS A 345 -22.02 -11.79 26.90
N PHE A 346 -21.15 -11.16 26.12
CA PHE A 346 -19.88 -11.80 25.83
C PHE A 346 -18.65 -11.11 26.44
N GLN A 347 -18.82 -9.89 26.95
CA GLN A 347 -17.68 -9.21 27.56
C GLN A 347 -18.10 -8.59 28.90
N PRO A 348 -18.73 -9.39 29.77
CA PRO A 348 -19.17 -8.87 31.06
C PRO A 348 -18.10 -8.19 31.89
N GLU A 349 -16.90 -8.76 31.91
CA GLU A 349 -15.85 -8.16 32.71
C GLU A 349 -15.43 -6.80 32.16
N ARG A 350 -15.71 -6.52 30.89
CA ARG A 350 -15.32 -5.24 30.32
C ARG A 350 -16.46 -4.23 30.18
N TYR A 351 -17.69 -4.69 30.38
CA TYR A 351 -18.86 -3.82 30.25
C TYR A 351 -18.77 -2.49 30.98
N LYS A 352 -18.48 -2.52 32.27
CA LYS A 352 -18.38 -1.30 33.07
C LYS A 352 -17.29 -0.38 32.54
N LEU A 353 -16.12 -0.94 32.27
CA LEU A 353 -15.00 -0.16 31.76
C LEU A 353 -15.36 0.42 30.39
N TRP A 354 -16.10 -0.35 29.61
CA TRP A 354 -16.50 0.09 28.27
C TRP A 354 -17.50 1.24 28.30
N LYS A 355 -18.51 1.17 29.18
CA LYS A 355 -19.51 2.23 29.28
C LYS A 355 -18.89 3.50 29.87
N ALA A 356 -17.67 3.39 30.39
CA ALA A 356 -16.98 4.54 30.96
C ALA A 356 -16.00 5.06 29.92
N GLY A 357 -15.91 4.38 28.79
CA GLY A 357 -15.01 4.81 27.73
C GLY A 357 -13.53 4.57 28.04
N LYS A 358 -13.23 3.54 28.82
CA LYS A 358 -11.83 3.26 29.15
C LYS A 358 -11.32 1.95 28.58
N ASP A 359 -12.15 1.26 27.80
CA ASP A 359 -11.75 -0.01 27.20
C ASP A 359 -10.82 0.32 26.01
N ASN A 360 -9.52 0.32 26.24
CA ASN A 360 -8.59 0.63 25.15
C ASN A 360 -8.03 -0.62 24.46
N THR A 361 -8.89 -1.64 24.31
CA THR A 361 -8.47 -2.87 23.65
C THR A 361 -8.05 -2.61 22.21
N VAL A 362 -6.94 -3.22 21.81
CA VAL A 362 -6.43 -3.08 20.46
C VAL A 362 -6.75 -4.37 19.74
N ILE A 363 -7.13 -4.26 18.47
CA ILE A 363 -7.49 -5.42 17.68
C ILE A 363 -6.34 -6.04 16.89
N ASP A 364 -6.26 -7.37 16.90
CA ASP A 364 -5.22 -8.07 16.13
C ASP A 364 -5.98 -8.75 14.99
N HIS A 365 -5.90 -8.18 13.79
CA HIS A 365 -6.62 -8.73 12.64
C HIS A 365 -6.19 -10.14 12.22
N THR A 366 -5.12 -10.65 12.83
CA THR A 366 -4.65 -11.97 12.47
C THR A 366 -5.30 -13.09 13.29
N LEU A 367 -5.59 -12.82 14.57
CA LEU A 367 -6.21 -13.81 15.43
C LEU A 367 -7.54 -14.34 14.91
N PRO A 368 -7.73 -15.67 14.95
CA PRO A 368 -8.98 -16.28 14.48
C PRO A 368 -10.04 -16.14 15.57
N THR A 369 -11.29 -16.41 15.23
CA THR A 369 -12.36 -16.30 16.20
C THR A 369 -12.23 -17.39 17.27
N PRO A 370 -12.62 -17.07 18.51
CA PRO A 370 -12.57 -17.99 19.65
C PRO A 370 -13.12 -19.39 19.35
N GLU A 371 -14.24 -19.45 18.62
CA GLU A 371 -14.88 -20.72 18.29
C GLU A 371 -14.05 -21.70 17.47
N ALA A 372 -12.92 -21.22 16.95
CA ALA A 372 -12.02 -22.02 16.13
C ALA A 372 -11.06 -22.86 16.95
N ALA A 373 -11.15 -22.75 18.28
CA ALA A 373 -10.28 -23.49 19.18
C ALA A 373 -10.22 -24.98 18.82
N GLU A 374 -11.39 -25.59 18.67
CA GLU A 374 -11.47 -27.01 18.35
C GLU A 374 -10.62 -27.44 17.15
N PHE A 375 -10.51 -26.59 16.13
CA PHE A 375 -9.72 -26.93 14.95
C PHE A 375 -8.24 -26.55 15.08
N LEU A 376 -7.84 -26.13 16.29
CA LEU A 376 -6.46 -25.74 16.54
C LEU A 376 -5.77 -26.62 17.60
N LYS A 377 -6.15 -27.89 17.64
CA LYS A 377 -5.57 -28.85 18.59
C LYS A 377 -5.26 -30.20 17.93
N LEU B 30 1.32 15.97 -11.27
CA LEU B 30 0.74 14.64 -10.94
C LEU B 30 1.07 14.22 -9.51
N ASN B 31 0.12 13.56 -8.85
CA ASN B 31 0.24 13.11 -7.47
C ASN B 31 0.40 14.34 -6.58
N PRO B 32 -0.63 15.20 -6.55
CA PRO B 32 -0.66 16.43 -5.76
C PRO B 32 -0.58 16.16 -4.25
N SER B 33 -0.63 14.88 -3.90
CA SER B 33 -0.53 14.47 -2.50
C SER B 33 0.94 14.21 -2.20
N ALA B 34 1.75 14.15 -3.27
CA ALA B 34 3.20 13.92 -3.16
C ALA B 34 3.55 12.71 -2.31
N ARG B 35 2.95 11.57 -2.62
CA ARG B 35 3.19 10.34 -1.89
C ARG B 35 4.07 9.39 -2.69
N ILE B 36 4.90 8.64 -1.98
CA ILE B 36 5.77 7.70 -2.62
C ILE B 36 5.00 6.75 -3.52
N MET B 37 5.40 6.69 -4.79
CA MET B 37 4.78 5.80 -5.77
C MET B 37 5.67 4.61 -6.03
N THR B 38 5.08 3.53 -6.54
CA THR B 38 5.79 2.31 -6.85
C THR B 38 5.44 1.96 -8.28
N PHE B 39 6.41 1.47 -9.04
CA PHE B 39 6.19 1.09 -10.43
C PHE B 39 6.66 -0.33 -10.67
N TYR B 40 6.05 -0.98 -11.65
CA TYR B 40 6.37 -2.36 -12.02
C TYR B 40 6.59 -2.41 -13.53
N PRO B 41 7.76 -1.98 -13.99
CA PRO B 41 8.08 -1.98 -15.42
C PRO B 41 8.20 -3.36 -16.06
N THR B 42 7.94 -3.43 -17.36
CA THR B 42 8.06 -4.68 -18.12
C THR B 42 9.53 -4.81 -18.45
N MET B 43 9.96 -6.01 -18.81
CA MET B 43 11.37 -6.23 -19.14
C MET B 43 11.84 -5.28 -20.24
N GLU B 44 10.97 -5.01 -21.19
CA GLU B 44 11.29 -4.12 -22.30
C GLU B 44 11.48 -2.68 -21.79
N GLU B 45 10.71 -2.28 -20.79
CA GLU B 45 10.84 -0.92 -20.26
C GLU B 45 12.02 -0.83 -19.32
N PHE B 46 12.29 -1.92 -18.63
CA PHE B 46 13.39 -1.96 -17.67
C PHE B 46 14.75 -1.77 -18.32
N ARG B 47 14.84 -1.99 -19.64
CA ARG B 47 16.10 -1.88 -20.37
C ARG B 47 16.82 -0.54 -20.30
N ASN B 48 16.25 0.48 -20.91
CA ASN B 48 16.88 1.79 -20.90
C ASN B 48 16.61 2.52 -19.58
N PHE B 49 17.64 2.56 -18.72
CA PHE B 49 17.52 3.18 -17.41
C PHE B 49 17.08 4.65 -17.41
N SER B 50 17.91 5.53 -17.96
CA SER B 50 17.60 6.96 -17.99
C SER B 50 16.21 7.26 -18.56
N ARG B 51 15.74 6.37 -19.41
CA ARG B 51 14.43 6.49 -20.05
C ARG B 51 13.29 6.28 -19.05
N TYR B 52 13.42 5.26 -18.20
CA TYR B 52 12.38 4.99 -17.22
C TYR B 52 12.32 6.10 -16.17
N ILE B 53 13.48 6.61 -15.78
CA ILE B 53 13.52 7.68 -14.79
C ILE B 53 12.72 8.85 -15.31
N ALA B 54 12.81 9.08 -16.62
CA ALA B 54 12.09 10.17 -17.24
C ALA B 54 10.59 9.85 -17.26
N TYR B 55 10.26 8.56 -17.29
CA TYR B 55 8.89 8.11 -17.32
C TYR B 55 8.22 8.29 -15.95
N ILE B 56 8.84 7.72 -14.92
CA ILE B 56 8.28 7.85 -13.59
C ILE B 56 8.18 9.33 -13.22
N GLU B 57 9.04 10.18 -13.77
CA GLU B 57 8.95 11.60 -13.45
C GLU B 57 7.77 12.24 -14.19
N SER B 58 7.31 11.61 -15.26
CA SER B 58 6.18 12.17 -15.99
C SER B 58 4.92 11.74 -15.23
N GLN B 59 5.12 10.86 -14.27
CA GLN B 59 4.03 10.37 -13.44
C GLN B 59 4.05 11.10 -12.09
N GLY B 60 5.02 11.99 -11.91
CA GLY B 60 5.13 12.76 -10.69
C GLY B 60 5.86 12.09 -9.54
N ALA B 61 6.52 10.97 -9.82
CA ALA B 61 7.25 10.25 -8.79
C ALA B 61 8.30 11.10 -8.11
N HIS B 62 8.77 12.14 -8.78
CA HIS B 62 9.79 13.00 -8.19
C HIS B 62 9.25 13.96 -7.13
N ARG B 63 7.95 14.21 -7.13
CA ARG B 63 7.37 15.14 -6.15
C ARG B 63 7.46 14.64 -4.71
N ALA B 64 7.47 13.33 -4.54
CA ALA B 64 7.54 12.76 -3.20
C ALA B 64 8.98 12.72 -2.70
N GLY B 65 9.93 12.89 -3.62
CA GLY B 65 11.34 12.87 -3.27
C GLY B 65 11.88 11.46 -3.19
N LEU B 66 10.97 10.48 -3.27
CA LEU B 66 11.33 9.08 -3.17
C LEU B 66 10.35 8.21 -3.95
N ALA B 67 10.85 7.09 -4.49
CA ALA B 67 10.02 6.17 -5.27
C ALA B 67 10.60 4.75 -5.30
N LYS B 68 9.73 3.76 -5.36
CA LYS B 68 10.17 2.36 -5.43
C LYS B 68 9.97 1.78 -6.83
N VAL B 69 10.90 0.92 -7.25
CA VAL B 69 10.81 0.30 -8.57
C VAL B 69 11.05 -1.18 -8.43
N VAL B 70 10.03 -1.97 -8.75
CA VAL B 70 10.12 -3.42 -8.65
C VAL B 70 10.51 -3.98 -10.02
N PRO B 71 11.71 -4.58 -10.11
CA PRO B 71 12.17 -5.15 -11.38
C PRO B 71 11.37 -6.39 -11.79
N PRO B 72 11.23 -6.62 -13.10
CA PRO B 72 10.48 -7.78 -13.59
C PRO B 72 11.02 -9.08 -12.97
N LYS B 73 10.12 -10.01 -12.68
CA LYS B 73 10.44 -11.31 -12.06
C LYS B 73 11.63 -12.02 -12.72
N GLU B 74 11.70 -11.89 -14.04
CA GLU B 74 12.75 -12.51 -14.84
C GLU B 74 14.14 -11.90 -14.65
N TRP B 75 14.20 -10.75 -13.99
CA TRP B 75 15.47 -10.07 -13.76
C TRP B 75 16.17 -10.50 -12.46
N LYS B 76 17.47 -10.72 -12.55
CA LYS B 76 18.31 -11.11 -11.42
C LYS B 76 19.69 -10.46 -11.66
N PRO B 77 20.20 -9.71 -10.68
CA PRO B 77 21.50 -9.04 -10.80
C PRO B 77 22.69 -9.99 -10.72
N ARG B 78 22.53 -11.07 -9.97
CA ARG B 78 23.57 -12.06 -9.81
C ARG B 78 23.00 -13.45 -9.49
N ALA B 79 23.76 -14.48 -9.86
CA ALA B 79 23.36 -15.87 -9.66
C ALA B 79 23.08 -16.23 -8.19
N SER B 80 24.08 -16.07 -7.33
CA SER B 80 23.92 -16.39 -5.93
C SER B 80 24.77 -15.54 -5.01
N TYR B 81 24.29 -15.36 -3.79
CA TYR B 81 25.02 -14.57 -2.79
C TYR B 81 25.55 -15.46 -1.68
N ASP B 82 26.24 -16.54 -2.03
CA ASP B 82 26.78 -17.43 -1.01
C ASP B 82 28.30 -17.55 -1.14
N ASP B 83 28.81 -16.94 -2.19
CA ASP B 83 30.24 -16.94 -2.48
C ASP B 83 30.91 -15.65 -2.02
N ILE B 84 30.20 -14.85 -1.23
CA ILE B 84 30.76 -13.59 -0.76
C ILE B 84 30.99 -13.59 0.75
N ASP B 85 31.22 -14.77 1.32
CA ASP B 85 31.47 -14.83 2.76
C ASP B 85 32.85 -14.33 3.09
N ASP B 86 33.69 -14.20 2.06
CA ASP B 86 35.07 -13.74 2.21
C ASP B 86 35.29 -12.28 1.80
N LEU B 87 34.19 -11.59 1.49
CA LEU B 87 34.26 -10.18 1.12
C LEU B 87 34.53 -9.45 2.43
N VAL B 88 35.54 -8.59 2.42
CA VAL B 88 35.93 -7.86 3.61
C VAL B 88 35.29 -6.47 3.71
N ILE B 89 34.82 -6.13 4.91
CA ILE B 89 34.22 -4.84 5.17
C ILE B 89 35.30 -4.01 5.88
N PRO B 90 36.09 -3.26 5.10
CA PRO B 90 37.19 -2.43 5.57
C PRO B 90 36.89 -1.55 6.79
N ALA B 91 35.86 -0.74 6.67
CA ALA B 91 35.52 0.19 7.74
C ALA B 91 34.13 0.11 8.34
N PRO B 92 33.87 -0.91 9.16
CA PRO B 92 32.54 -1.02 9.77
C PRO B 92 32.42 0.11 10.80
N ILE B 93 31.21 0.51 11.13
CA ILE B 93 31.06 1.58 12.09
C ILE B 93 30.02 1.29 13.16
N GLN B 94 30.33 1.63 14.40
CA GLN B 94 29.39 1.41 15.48
C GLN B 94 28.60 2.72 15.58
N GLN B 95 27.29 2.65 15.41
CA GLN B 95 26.45 3.87 15.48
C GLN B 95 25.99 4.24 16.89
N LEU B 96 26.71 5.15 17.53
CA LEU B 96 26.38 5.63 18.87
C LEU B 96 25.38 6.77 18.72
N VAL B 97 24.31 6.74 19.51
CA VAL B 97 23.30 7.76 19.40
C VAL B 97 22.90 8.34 20.73
N THR B 98 22.89 9.67 20.81
CA THR B 98 22.50 10.38 22.01
C THR B 98 21.36 11.33 21.69
N GLY B 99 20.37 11.41 22.58
CA GLY B 99 19.24 12.31 22.36
C GLY B 99 17.95 11.91 23.05
N GLN B 100 16.96 12.78 23.01
CA GLN B 100 15.68 12.50 23.66
C GLN B 100 14.56 13.20 22.90
N SER B 101 13.32 12.85 23.20
CA SER B 101 12.15 13.47 22.59
C SER B 101 12.11 13.47 21.07
N GLY B 102 12.61 12.39 20.46
CA GLY B 102 12.60 12.30 19.01
C GLY B 102 13.73 13.02 18.31
N LEU B 103 14.59 13.73 19.04
CA LEU B 103 15.69 14.45 18.41
C LEU B 103 17.02 13.86 18.85
N PHE B 104 17.76 13.30 17.89
CA PHE B 104 19.04 12.68 18.22
C PHE B 104 20.21 13.05 17.31
N THR B 105 21.40 12.76 17.83
CA THR B 105 22.67 13.01 17.14
C THR B 105 23.39 11.68 17.07
N GLN B 106 23.89 11.33 15.89
CA GLN B 106 24.57 10.07 15.72
C GLN B 106 26.08 10.21 15.50
N TYR B 107 26.87 9.56 16.36
CA TYR B 107 28.33 9.61 16.27
C TYR B 107 28.87 8.28 15.74
N ASN B 108 29.71 8.35 14.71
CA ASN B 108 30.28 7.16 14.10
C ASN B 108 31.65 6.80 14.66
N ILE B 109 31.81 5.53 15.01
CA ILE B 109 33.08 5.04 15.55
C ILE B 109 33.56 3.88 14.69
N GLN B 110 34.73 4.05 14.07
CA GLN B 110 35.30 3.03 13.20
C GLN B 110 35.83 1.83 13.97
N LYS B 111 35.59 0.63 13.44
CA LYS B 111 36.04 -0.60 14.08
C LYS B 111 37.03 -1.33 13.16
N LYS B 112 37.76 -2.29 13.71
CA LYS B 112 38.73 -3.05 12.94
C LYS B 112 37.99 -3.81 11.85
N ALA B 113 38.56 -3.84 10.65
CA ALA B 113 37.94 -4.53 9.54
C ALA B 113 37.51 -5.93 9.94
N MET B 114 36.48 -6.43 9.26
CA MET B 114 35.95 -7.75 9.50
C MET B 114 35.34 -8.24 8.20
N THR B 115 35.25 -9.55 8.03
CA THR B 115 34.69 -10.12 6.82
C THR B 115 33.16 -10.20 6.92
N VAL B 116 32.48 -10.33 5.78
CA VAL B 116 31.02 -10.42 5.76
C VAL B 116 30.57 -11.52 6.71
N ARG B 117 31.14 -12.71 6.51
CA ARG B 117 30.85 -13.87 7.33
C ARG B 117 30.92 -13.55 8.82
N GLU B 118 31.91 -12.74 9.22
CA GLU B 118 32.05 -12.37 10.62
C GLU B 118 30.94 -11.39 11.03
N PHE B 119 30.62 -10.47 10.13
CA PHE B 119 29.58 -9.48 10.38
C PHE B 119 28.22 -10.14 10.56
N ARG B 120 27.89 -11.02 9.61
CA ARG B 120 26.63 -11.74 9.64
C ARG B 120 26.40 -12.45 10.96
N LYS B 121 27.46 -13.03 11.51
CA LYS B 121 27.36 -13.74 12.78
C LYS B 121 26.90 -12.78 13.88
N ILE B 122 27.53 -11.61 13.95
CA ILE B 122 27.15 -10.61 14.95
C ILE B 122 25.75 -10.09 14.68
N ALA B 123 25.43 -9.95 13.40
CA ALA B 123 24.12 -9.45 12.99
C ALA B 123 22.99 -10.35 13.47
N ASN B 124 23.09 -11.64 13.16
CA ASN B 124 22.06 -12.60 13.55
C ASN B 124 22.22 -13.11 14.97
N SER B 125 23.17 -12.53 15.71
CA SER B 125 23.41 -12.94 17.09
C SER B 125 22.18 -12.53 17.90
N ASP B 126 21.97 -13.15 19.05
CA ASP B 126 20.82 -12.84 19.88
C ASP B 126 20.82 -11.46 20.51
N LYS B 127 21.96 -10.79 20.53
CA LYS B 127 22.00 -9.46 21.13
C LYS B 127 21.77 -8.37 20.10
N TYR B 128 21.93 -8.72 18.82
CA TYR B 128 21.75 -7.76 17.74
C TYR B 128 20.76 -8.24 16.67
N CYS B 129 20.00 -9.28 16.97
CA CYS B 129 19.03 -9.82 16.02
C CYS B 129 17.76 -8.97 16.05
N THR B 130 17.02 -9.00 14.95
CA THR B 130 15.77 -8.27 14.85
C THR B 130 14.88 -8.76 15.99
N PRO B 131 14.22 -7.84 16.71
CA PRO B 131 13.33 -8.20 17.83
C PRO B 131 12.07 -8.84 17.28
N ARG B 132 11.45 -9.72 18.05
CA ARG B 132 10.22 -10.35 17.60
C ARG B 132 9.17 -9.25 17.54
N TYR B 133 8.45 -9.20 16.43
CA TYR B 133 7.42 -8.18 16.25
C TYR B 133 6.32 -8.74 15.36
N SER B 134 5.18 -8.04 15.34
CA SER B 134 4.04 -8.46 14.54
C SER B 134 3.91 -7.66 13.25
N GLU B 135 3.69 -6.36 13.39
CA GLU B 135 3.55 -5.48 12.24
C GLU B 135 4.63 -4.40 12.21
N PHE B 136 4.91 -3.87 11.01
CA PHE B 136 5.92 -2.84 10.83
C PHE B 136 5.74 -1.71 11.84
N GLU B 137 4.50 -1.33 12.10
CA GLU B 137 4.22 -0.26 13.05
C GLU B 137 4.87 -0.53 14.41
N GLU B 138 4.92 -1.81 14.80
CA GLU B 138 5.51 -2.18 16.09
C GLU B 138 7.04 -2.10 16.01
N LEU B 139 7.62 -2.68 14.96
CA LEU B 139 9.06 -2.63 14.79
C LEU B 139 9.49 -1.16 14.76
N GLU B 140 8.77 -0.36 13.98
CA GLU B 140 9.05 1.06 13.87
C GLU B 140 9.07 1.70 15.25
N ARG B 141 8.09 1.36 16.09
CA ARG B 141 8.04 1.90 17.45
C ARG B 141 9.27 1.49 18.23
N LYS B 142 9.61 0.21 18.20
CA LYS B 142 10.79 -0.26 18.94
C LYS B 142 12.06 0.45 18.49
N TYR B 143 12.15 0.75 17.21
CA TYR B 143 13.31 1.45 16.65
C TYR B 143 13.48 2.81 17.32
N TRP B 144 12.42 3.62 17.32
CA TRP B 144 12.49 4.96 17.91
C TRP B 144 12.58 4.94 19.44
N LYS B 145 12.25 3.80 20.03
CA LYS B 145 12.28 3.64 21.47
C LYS B 145 13.67 3.21 21.97
N ASN B 146 14.33 2.33 21.22
CA ASN B 146 15.63 1.81 21.62
C ASN B 146 16.81 2.33 20.79
N LEU B 147 16.56 3.41 20.06
CA LEU B 147 17.56 4.02 19.20
C LEU B 147 18.87 4.31 19.92
N THR B 148 18.79 4.81 21.15
CA THR B 148 19.98 5.14 21.91
C THR B 148 20.56 3.99 22.73
N PHE B 149 20.05 2.78 22.54
CA PHE B 149 20.53 1.61 23.29
C PHE B 149 21.17 0.60 22.34
N ASN B 150 22.09 -0.21 22.86
CA ASN B 150 22.76 -1.25 22.08
C ASN B 150 23.33 -0.80 20.74
N PRO B 151 24.34 0.07 20.76
CA PRO B 151 24.95 0.57 19.53
C PRO B 151 25.31 -0.55 18.54
N PRO B 152 24.60 -0.62 17.41
CA PRO B 152 24.86 -1.67 16.41
C PRO B 152 26.10 -1.35 15.56
N ILE B 153 26.45 -2.27 14.67
CA ILE B 153 27.59 -2.11 13.79
C ILE B 153 27.02 -2.06 12.40
N TYR B 154 27.59 -1.22 11.55
CA TYR B 154 27.10 -1.08 10.19
C TYR B 154 28.22 -1.18 9.19
N GLY B 155 28.10 -2.13 8.27
CA GLY B 155 29.12 -2.30 7.26
C GLY B 155 28.84 -1.34 6.11
N ALA B 156 29.24 -0.08 6.29
CA ALA B 156 28.98 0.97 5.31
C ALA B 156 30.14 1.44 4.44
N ASP B 157 29.76 2.04 3.32
CA ASP B 157 30.68 2.60 2.34
C ASP B 157 31.78 1.65 1.89
N VAL B 158 31.39 0.43 1.55
CA VAL B 158 32.32 -0.58 1.08
C VAL B 158 32.37 -0.55 -0.43
N ASN B 159 33.47 -0.05 -1.00
CA ASN B 159 33.61 0.00 -2.44
C ASN B 159 33.43 -1.39 -3.03
N GLY B 160 32.74 -1.45 -4.16
CA GLY B 160 32.50 -2.73 -4.81
C GLY B 160 31.06 -2.87 -5.26
N THR B 161 30.78 -3.94 -6.00
CA THR B 161 29.44 -4.22 -6.50
C THR B 161 29.22 -5.72 -6.45
N LEU B 162 27.96 -6.14 -6.39
CA LEU B 162 27.64 -7.57 -6.36
C LEU B 162 27.04 -7.98 -7.69
N TYR B 163 27.03 -7.05 -8.64
CA TYR B 163 26.49 -7.35 -9.97
C TYR B 163 27.51 -8.18 -10.73
N GLU B 164 27.05 -8.82 -11.80
CA GLU B 164 27.91 -9.64 -12.64
C GLU B 164 28.27 -8.69 -13.77
N LYS B 165 29.38 -8.97 -14.44
CA LYS B 165 29.87 -8.10 -15.49
C LYS B 165 28.83 -7.99 -16.59
N HIS B 166 28.16 -9.11 -16.89
CA HIS B 166 27.26 -9.15 -18.04
C HIS B 166 25.90 -8.49 -17.86
N VAL B 167 25.48 -8.28 -16.61
CA VAL B 167 24.19 -7.66 -16.34
C VAL B 167 24.19 -6.21 -16.84
N ASP B 168 23.48 -5.95 -17.92
CA ASP B 168 23.43 -4.61 -18.49
C ASP B 168 22.17 -3.82 -18.15
N GLU B 169 21.32 -4.39 -17.31
CA GLU B 169 20.07 -3.71 -16.92
C GLU B 169 20.23 -3.11 -15.53
N TRP B 170 20.07 -1.80 -15.41
CA TRP B 170 20.16 -1.13 -14.11
C TRP B 170 21.40 -1.55 -13.32
N ASN B 171 22.55 -1.52 -13.98
CA ASN B 171 23.82 -1.87 -13.35
C ASN B 171 24.28 -0.65 -12.59
N ILE B 172 24.18 -0.70 -11.27
CA ILE B 172 24.58 0.40 -10.41
C ILE B 172 26.05 0.78 -10.61
N GLY B 173 26.77 -0.04 -11.38
CA GLY B 173 28.18 0.24 -11.63
C GLY B 173 28.40 0.94 -12.95
N ARG B 174 27.34 0.98 -13.76
CA ARG B 174 27.36 1.66 -15.06
C ARG B 174 25.96 2.06 -15.51
N LEU B 175 25.36 3.08 -14.91
CA LEU B 175 24.00 3.46 -15.28
C LEU B 175 23.92 4.24 -16.60
N ARG B 176 25.05 4.79 -17.03
CA ARG B 176 25.09 5.54 -18.29
C ARG B 176 24.39 6.91 -18.24
N THR B 177 24.52 7.63 -17.14
CA THR B 177 23.86 8.95 -17.06
C THR B 177 24.86 10.08 -17.31
N ILE B 178 24.35 11.28 -17.57
CA ILE B 178 25.19 12.43 -17.85
C ILE B 178 26.08 12.78 -16.66
N LEU B 179 26.00 12.00 -15.59
CA LEU B 179 26.82 12.27 -14.42
C LEU B 179 28.24 11.80 -14.73
N ASP B 180 28.35 10.90 -15.69
CA ASP B 180 29.65 10.37 -16.07
C ASP B 180 30.57 11.43 -16.67
N LEU B 181 30.04 12.62 -16.95
CA LEU B 181 30.87 13.70 -17.50
C LEU B 181 31.95 14.14 -16.52
N VAL B 182 31.87 13.64 -15.29
CA VAL B 182 32.87 13.98 -14.30
C VAL B 182 34.06 13.04 -14.48
N GLU B 183 33.80 11.90 -15.11
CA GLU B 183 34.82 10.90 -15.37
C GLU B 183 35.22 10.94 -16.84
N LYS B 184 34.22 11.17 -17.70
CA LYS B 184 34.42 11.22 -19.15
C LYS B 184 35.28 12.38 -19.66
N GLU B 185 34.83 13.62 -19.40
CA GLU B 185 35.58 14.79 -19.86
C GLU B 185 36.56 15.35 -18.83
N SER B 186 36.27 15.18 -17.55
CA SER B 186 37.16 15.69 -16.52
C SER B 186 38.00 14.59 -15.88
N GLY B 187 37.54 13.34 -15.99
CA GLY B 187 38.27 12.23 -15.43
C GLY B 187 38.49 12.33 -13.93
N ILE B 188 37.39 12.33 -13.18
CA ILE B 188 37.43 12.40 -11.72
C ILE B 188 36.44 11.41 -11.11
N THR B 189 36.97 10.38 -10.46
CA THR B 189 36.16 9.35 -9.84
C THR B 189 35.94 9.66 -8.35
N ILE B 190 34.68 9.70 -7.95
CA ILE B 190 34.33 9.98 -6.56
C ILE B 190 33.69 8.72 -5.96
N GLU B 191 34.35 8.14 -4.97
CA GLU B 191 33.86 6.93 -4.31
C GLU B 191 32.43 7.02 -3.80
N GLY B 192 31.59 6.09 -4.24
CA GLY B 192 30.20 6.07 -3.80
C GLY B 192 29.29 7.02 -4.58
N VAL B 193 29.90 8.05 -5.16
CA VAL B 193 29.17 9.06 -5.93
C VAL B 193 29.07 8.67 -7.40
N ASN B 194 30.21 8.32 -7.99
CA ASN B 194 30.24 7.90 -9.37
C ASN B 194 30.50 6.40 -9.46
N THR B 195 30.92 5.80 -8.33
CA THR B 195 31.20 4.37 -8.25
C THR B 195 30.30 3.68 -7.22
N PRO B 196 30.12 2.36 -7.35
CA PRO B 196 29.30 1.54 -6.46
C PRO B 196 29.75 1.51 -5.00
N TYR B 197 28.77 1.29 -4.13
CA TYR B 197 29.00 1.22 -2.70
C TYR B 197 28.10 0.11 -2.15
N LEU B 198 28.62 -0.66 -1.21
CA LEU B 198 27.82 -1.72 -0.61
C LEU B 198 27.59 -1.41 0.85
N TYR B 199 26.40 -1.76 1.34
CA TYR B 199 26.03 -1.55 2.72
C TYR B 199 25.48 -2.82 3.36
N PHE B 200 26.19 -3.32 4.36
CA PHE B 200 25.77 -4.52 5.08
C PHE B 200 25.24 -4.01 6.42
N GLY B 201 23.93 -4.17 6.65
CA GLY B 201 23.37 -3.69 7.88
C GLY B 201 22.76 -4.73 8.79
N MET B 202 22.41 -4.29 9.99
CA MET B 202 21.79 -5.16 10.97
C MET B 202 20.69 -4.35 11.65
N TRP B 203 19.87 -5.02 12.47
CA TRP B 203 18.79 -4.35 13.16
C TRP B 203 19.20 -3.05 13.82
N LYS B 204 18.39 -2.02 13.65
CA LYS B 204 18.61 -0.72 14.25
C LYS B 204 19.71 0.15 13.62
N THR B 205 20.30 -0.29 12.52
CA THR B 205 21.32 0.53 11.89
C THR B 205 20.55 1.55 11.07
N SER B 206 21.00 2.80 11.10
CA SER B 206 20.25 3.82 10.42
C SER B 206 21.00 4.84 9.60
N PHE B 207 20.26 5.52 8.73
CA PHE B 207 20.83 6.59 7.94
C PHE B 207 20.05 7.86 8.26
N ALA B 208 20.77 8.86 8.77
CA ALA B 208 20.21 10.14 9.17
C ALA B 208 19.67 10.96 8.00
N TRP B 209 18.86 11.96 8.32
CA TRP B 209 18.26 12.83 7.32
C TRP B 209 19.29 13.51 6.46
N HIS B 210 19.07 13.50 5.14
CA HIS B 210 20.01 14.14 4.22
C HIS B 210 19.53 14.12 2.78
N THR B 211 20.21 14.93 1.96
CA THR B 211 19.96 14.93 0.53
C THR B 211 21.28 14.41 -0.01
N GLU B 212 21.27 13.90 -1.24
CA GLU B 212 22.48 13.37 -1.83
C GLU B 212 23.50 14.50 -2.02
N ASP B 213 24.77 14.13 -2.20
CA ASP B 213 25.80 15.13 -2.42
C ASP B 213 25.47 15.92 -3.68
N MET B 214 25.64 17.24 -3.63
CA MET B 214 25.32 18.10 -4.76
C MET B 214 23.86 17.92 -5.14
N ASP B 215 23.06 17.47 -4.17
CA ASP B 215 21.64 17.23 -4.37
C ASP B 215 21.34 16.39 -5.60
N LEU B 216 22.18 15.39 -5.86
CA LEU B 216 22.00 14.50 -7.02
C LEU B 216 20.93 13.44 -6.79
N TYR B 217 20.70 12.61 -7.81
CA TYR B 217 19.75 11.50 -7.68
C TYR B 217 20.56 10.40 -7.03
N SER B 218 19.88 9.34 -6.59
CA SER B 218 20.58 8.21 -6.03
C SER B 218 19.74 6.98 -6.30
N ILE B 219 20.42 5.85 -6.49
CA ILE B 219 19.76 4.58 -6.75
C ILE B 219 20.16 3.63 -5.63
N ASN B 220 19.24 2.77 -5.20
CA ASN B 220 19.55 1.86 -4.10
C ASN B 220 18.88 0.52 -4.33
N TYR B 221 19.68 -0.55 -4.37
CA TYR B 221 19.12 -1.88 -4.58
C TYR B 221 19.39 -2.76 -3.36
N LEU B 222 18.33 -3.34 -2.80
CA LEU B 222 18.51 -4.22 -1.65
C LEU B 222 18.78 -5.62 -2.23
N HIS B 223 20.05 -6.04 -2.19
CA HIS B 223 20.45 -7.35 -2.74
C HIS B 223 19.79 -8.56 -2.08
N PHE B 224 19.76 -8.58 -0.76
CA PHE B 224 19.18 -9.70 -0.02
C PHE B 224 19.03 -9.33 1.44
N GLY B 225 18.43 -10.22 2.22
CA GLY B 225 18.26 -9.98 3.64
C GLY B 225 16.99 -9.28 4.07
N GLU B 226 16.96 -8.89 5.35
CA GLU B 226 15.80 -8.20 5.92
C GLU B 226 15.57 -6.84 5.26
N PRO B 227 14.34 -6.32 5.38
CA PRO B 227 13.95 -5.02 4.79
C PRO B 227 14.67 -3.76 5.30
N LYS B 228 14.51 -2.70 4.52
CA LYS B 228 15.07 -1.38 4.83
C LYS B 228 13.87 -0.42 4.72
N SER B 229 13.61 0.34 5.78
CA SER B 229 12.51 1.28 5.82
C SER B 229 13.01 2.72 5.57
N TRP B 230 12.26 3.44 4.75
CA TRP B 230 12.62 4.81 4.39
C TRP B 230 11.60 5.83 4.84
N TYR B 231 12.05 7.08 4.96
CA TYR B 231 11.20 8.22 5.32
C TYR B 231 11.59 9.29 4.31
N SER B 232 10.63 10.04 3.79
CA SER B 232 10.99 11.10 2.83
C SER B 232 10.14 12.35 2.96
N VAL B 233 10.75 13.48 2.62
CA VAL B 233 10.07 14.75 2.65
C VAL B 233 10.11 15.33 1.24
N PRO B 234 8.94 15.74 0.72
CA PRO B 234 8.84 16.29 -0.62
C PRO B 234 9.84 17.42 -0.81
N PRO B 235 10.54 17.42 -1.95
CA PRO B 235 11.54 18.47 -2.22
C PRO B 235 10.96 19.88 -2.08
N GLU B 236 9.66 20.04 -2.38
CA GLU B 236 8.98 21.34 -2.27
C GLU B 236 8.75 21.75 -0.84
N HIS B 237 9.15 20.89 0.09
CA HIS B 237 9.02 21.19 1.51
C HIS B 237 10.34 20.94 2.22
N GLY B 238 11.39 20.76 1.43
CA GLY B 238 12.71 20.52 2.00
C GLY B 238 13.21 21.65 2.88
N LYS B 239 13.02 22.91 2.44
CA LYS B 239 13.48 24.05 3.21
C LYS B 239 12.83 24.12 4.59
N ARG B 240 11.59 23.64 4.69
CA ARG B 240 10.88 23.61 5.95
C ARG B 240 11.57 22.66 6.92
N LEU B 241 11.92 21.46 6.45
CA LEU B 241 12.62 20.50 7.29
C LEU B 241 13.96 21.10 7.72
N GLU B 242 14.60 21.82 6.80
CA GLU B 242 15.88 22.44 7.11
C GLU B 242 15.78 23.46 8.24
N ARG B 243 14.78 24.32 8.17
CA ARG B 243 14.60 25.32 9.21
C ARG B 243 14.29 24.64 10.54
N LEU B 244 13.49 23.58 10.48
CA LEU B 244 13.14 22.83 11.68
C LEU B 244 14.43 22.32 12.35
N ALA B 245 15.33 21.77 11.54
CA ALA B 245 16.58 21.26 12.07
C ALA B 245 17.40 22.42 12.65
N LYS B 246 17.48 23.53 11.91
CA LYS B 246 18.24 24.70 12.37
C LYS B 246 17.71 25.16 13.74
N GLY B 247 16.41 24.98 13.96
CA GLY B 247 15.82 25.38 15.22
C GLY B 247 16.27 24.51 16.38
N PHE B 248 16.30 23.20 16.17
CA PHE B 248 16.71 22.29 17.22
C PHE B 248 18.21 22.29 17.49
N PHE B 249 19.00 22.38 16.43
CA PHE B 249 20.45 22.37 16.61
C PHE B 249 21.08 23.67 16.12
N PRO B 250 20.75 24.79 16.79
CA PRO B 250 21.28 26.10 16.43
C PRO B 250 22.80 26.17 16.43
N GLY B 251 23.42 25.47 17.38
CA GLY B 251 24.86 25.46 17.48
C GLY B 251 25.52 24.84 16.26
N SER B 252 24.94 23.74 15.81
CA SER B 252 25.48 23.04 14.65
C SER B 252 25.26 23.88 13.40
N ALA B 253 24.10 24.52 13.32
CA ALA B 253 23.78 25.37 12.18
C ALA B 253 24.78 26.51 12.09
N GLN B 254 25.14 27.05 13.25
CA GLN B 254 26.10 28.15 13.32
C GLN B 254 27.49 27.74 12.83
N SER B 255 27.84 26.46 13.03
CA SER B 255 29.16 25.98 12.61
C SER B 255 29.23 25.63 11.14
N CYS B 256 28.11 25.19 10.59
CA CYS B 256 28.04 24.77 9.20
C CYS B 256 26.64 25.05 8.67
N GLU B 257 26.56 25.61 7.46
CA GLU B 257 25.28 25.93 6.84
C GLU B 257 24.49 24.68 6.49
N ALA B 258 25.17 23.73 5.84
CA ALA B 258 24.56 22.48 5.44
C ALA B 258 25.04 21.38 6.39
N PHE B 259 24.82 21.56 7.69
CA PHE B 259 25.28 20.58 8.66
C PHE B 259 24.58 19.23 8.50
N LEU B 260 23.38 19.22 7.95
CA LEU B 260 22.67 17.97 7.75
C LEU B 260 23.45 17.03 6.86
N ARG B 261 24.37 17.58 6.07
CA ARG B 261 25.17 16.74 5.18
C ARG B 261 26.16 15.88 5.96
N HIS B 262 26.29 16.15 7.26
CA HIS B 262 27.18 15.41 8.14
C HIS B 262 26.57 14.03 8.39
N LYS B 263 25.27 13.92 8.12
CA LYS B 263 24.55 12.67 8.29
C LYS B 263 24.63 12.15 9.72
N MET B 264 24.31 13.02 10.67
CA MET B 264 24.34 12.69 12.08
C MET B 264 23.03 13.07 12.76
N THR B 265 22.13 13.72 12.04
CA THR B 265 20.87 14.16 12.64
C THR B 265 19.71 13.23 12.36
N LEU B 266 19.11 12.72 13.43
CA LEU B 266 17.97 11.82 13.33
C LEU B 266 16.77 12.52 13.94
N ILE B 267 15.64 12.49 13.23
CA ILE B 267 14.42 13.12 13.71
C ILE B 267 13.29 12.14 13.46
N SER B 268 12.54 11.82 14.51
CA SER B 268 11.43 10.86 14.42
C SER B 268 10.20 11.43 13.72
N PRO B 269 9.38 10.56 13.12
CA PRO B 269 8.17 10.98 12.43
C PRO B 269 7.18 11.73 13.34
N LEU B 270 7.15 11.41 14.62
CA LEU B 270 6.26 12.10 15.54
C LEU B 270 6.56 13.58 15.58
N MET B 271 7.85 13.90 15.65
CA MET B 271 8.29 15.29 15.68
C MET B 271 7.97 15.96 14.35
N LEU B 272 8.18 15.27 13.25
CA LEU B 272 7.88 15.86 11.95
C LEU B 272 6.43 16.30 11.92
N LYS B 273 5.53 15.37 12.24
CA LYS B 273 4.12 15.66 12.27
C LYS B 273 3.79 16.77 13.27
N LYS B 274 4.41 16.74 14.44
CA LYS B 274 4.18 17.74 15.49
C LYS B 274 4.39 19.17 15.01
N TYR B 275 5.34 19.36 14.10
CA TYR B 275 5.65 20.70 13.57
C TYR B 275 5.15 20.89 12.15
N GLY B 276 4.27 19.99 11.69
CA GLY B 276 3.70 20.12 10.36
C GLY B 276 4.59 19.92 9.14
N ILE B 277 5.59 19.05 9.24
CA ILE B 277 6.46 18.80 8.09
C ILE B 277 5.90 17.63 7.30
N PRO B 278 5.43 17.89 6.07
CA PRO B 278 4.87 16.79 5.25
C PRO B 278 5.92 15.69 5.01
N PHE B 279 5.50 14.44 5.04
CA PHE B 279 6.43 13.34 4.81
C PHE B 279 5.66 12.05 4.52
N ASP B 280 6.36 11.00 4.09
CA ASP B 280 5.74 9.72 3.81
C ASP B 280 6.77 8.67 4.20
N LYS B 281 6.33 7.42 4.34
CA LYS B 281 7.21 6.31 4.70
C LYS B 281 6.94 5.11 3.80
N VAL B 282 7.98 4.38 3.45
CA VAL B 282 7.85 3.19 2.62
C VAL B 282 8.92 2.21 3.02
N THR B 283 8.60 0.92 2.96
CA THR B 283 9.55 -0.12 3.33
C THR B 283 9.99 -0.84 2.07
N GLN B 284 11.31 -1.01 1.92
CA GLN B 284 11.88 -1.69 0.74
C GLN B 284 12.26 -3.14 1.07
N GLU B 285 11.79 -4.08 0.25
CA GLU B 285 12.08 -5.51 0.43
C GLU B 285 13.21 -5.93 -0.53
N ALA B 286 13.83 -7.07 -0.27
CA ALA B 286 14.91 -7.55 -1.13
C ALA B 286 14.46 -7.65 -2.59
N GLY B 287 15.35 -7.30 -3.51
CA GLY B 287 15.03 -7.36 -4.92
C GLY B 287 14.33 -6.11 -5.42
N GLU B 288 14.17 -5.13 -4.54
CA GLU B 288 13.50 -3.89 -4.91
C GLU B 288 14.45 -2.72 -5.02
N PHE B 289 14.12 -1.78 -5.90
CA PHE B 289 14.92 -0.58 -6.10
C PHE B 289 14.25 0.65 -5.50
N MET B 290 15.06 1.55 -4.93
CA MET B 290 14.57 2.79 -4.38
C MET B 290 15.32 3.91 -5.09
N ILE B 291 14.58 4.89 -5.60
CA ILE B 291 15.15 6.03 -6.29
C ILE B 291 14.84 7.30 -5.48
N THR B 292 15.86 8.07 -5.13
CA THR B 292 15.64 9.32 -4.39
C THR B 292 15.84 10.39 -5.46
N PHE B 293 15.18 11.53 -5.31
CA PHE B 293 15.30 12.60 -6.29
C PHE B 293 16.00 13.83 -5.72
N PRO B 294 16.53 14.69 -6.61
CA PRO B 294 17.22 15.93 -6.21
C PRO B 294 16.49 16.68 -5.10
N TYR B 295 17.24 17.08 -4.08
CA TYR B 295 16.71 17.79 -2.91
C TYR B 295 15.61 17.03 -2.20
N GLY B 296 15.68 15.72 -2.27
CA GLY B 296 14.70 14.90 -1.59
C GLY B 296 15.37 14.43 -0.30
N TYR B 297 14.90 14.91 0.83
CA TYR B 297 15.48 14.52 2.12
C TYR B 297 14.93 13.14 2.47
N HIS B 298 15.79 12.25 2.95
CA HIS B 298 15.33 10.93 3.37
C HIS B 298 16.11 10.40 4.57
N ALA B 299 15.52 9.42 5.23
CA ALA B 299 16.10 8.81 6.43
C ALA B 299 15.48 7.43 6.63
N GLY B 300 16.14 6.59 7.42
CA GLY B 300 15.57 5.27 7.64
C GLY B 300 16.40 4.34 8.52
N PHE B 301 16.08 3.05 8.46
CA PHE B 301 16.78 2.03 9.23
C PHE B 301 16.58 0.62 8.65
N ASN B 302 17.47 -0.28 9.02
CA ASN B 302 17.41 -1.65 8.53
C ASN B 302 16.69 -2.54 9.55
N HIS B 303 15.86 -3.44 9.06
CA HIS B 303 15.13 -4.31 9.96
C HIS B 303 16.07 -5.33 10.59
N GLY B 304 16.90 -5.94 9.76
CA GLY B 304 17.87 -6.91 10.25
C GLY B 304 19.04 -7.05 9.30
N PHE B 305 19.71 -8.19 9.36
CA PHE B 305 20.85 -8.45 8.50
C PHE B 305 20.43 -8.36 7.03
N ASN B 306 21.11 -7.50 6.27
CA ASN B 306 20.83 -7.34 4.85
C ASN B 306 21.99 -6.65 4.14
N CYS B 307 21.88 -6.53 2.83
CA CYS B 307 22.92 -5.88 2.05
C CYS B 307 22.34 -5.16 0.86
N ALA B 308 22.73 -3.90 0.72
CA ALA B 308 22.27 -3.05 -0.37
C ALA B 308 23.42 -2.40 -1.11
N GLU B 309 23.21 -2.13 -2.39
CA GLU B 309 24.21 -1.49 -3.23
C GLU B 309 23.61 -0.17 -3.74
N SER B 310 24.45 0.86 -3.87
CA SER B 310 23.97 2.16 -4.34
C SER B 310 25.03 3.03 -4.98
N THR B 311 24.57 4.09 -5.64
CA THR B 311 25.43 5.08 -6.29
C THR B 311 24.55 6.28 -6.68
N ASN B 312 25.18 7.37 -7.08
CA ASN B 312 24.43 8.56 -7.49
C ASN B 312 24.35 8.57 -9.02
N PHE B 313 23.52 9.44 -9.57
CA PHE B 313 23.37 9.56 -11.01
C PHE B 313 22.63 10.86 -11.23
N ALA B 314 22.45 11.24 -12.48
CA ALA B 314 21.78 12.50 -12.76
C ALA B 314 21.01 12.54 -14.08
N THR B 315 20.29 13.65 -14.29
CA THR B 315 19.52 13.89 -15.52
C THR B 315 19.73 15.37 -15.84
N ARG B 316 19.10 15.87 -16.90
CA ARG B 316 19.26 17.29 -17.23
C ARG B 316 18.66 18.18 -16.15
N ARG B 317 17.56 17.74 -15.55
CA ARG B 317 16.87 18.50 -14.50
C ARG B 317 17.77 18.78 -13.29
N TRP B 318 18.74 17.89 -13.06
CA TRP B 318 19.66 18.00 -11.93
C TRP B 318 20.65 19.16 -12.03
N ILE B 319 21.13 19.44 -13.24
CA ILE B 319 22.11 20.51 -13.45
C ILE B 319 21.78 21.77 -12.65
N GLU B 320 20.52 22.16 -12.63
CA GLU B 320 20.12 23.37 -11.89
C GLU B 320 20.21 23.17 -10.37
N TYR B 321 19.94 21.96 -9.89
CA TYR B 321 20.05 21.69 -8.46
C TYR B 321 21.50 21.76 -8.04
N GLY B 322 22.37 21.16 -8.84
CA GLY B 322 23.79 21.17 -8.55
C GLY B 322 24.33 22.58 -8.43
N LYS B 323 23.87 23.45 -9.33
CA LYS B 323 24.28 24.85 -9.35
C LYS B 323 23.88 25.59 -8.07
N GLN B 324 22.73 25.25 -7.54
CA GLN B 324 22.23 25.93 -6.35
C GLN B 324 22.40 25.19 -5.04
N ALA B 325 23.02 24.02 -5.08
CA ALA B 325 23.18 23.25 -3.86
C ALA B 325 24.07 23.94 -2.82
N VAL B 326 23.65 23.84 -1.57
CA VAL B 326 24.39 24.42 -0.47
C VAL B 326 25.31 23.32 0.04
N LEU B 327 26.60 23.60 0.08
CA LEU B 327 27.53 22.58 0.51
C LEU B 327 28.09 22.77 1.89
N CYS B 328 28.57 21.66 2.44
CA CYS B 328 29.16 21.65 3.76
C CYS B 328 30.46 22.45 3.72
N SER B 329 30.63 23.34 4.68
CA SER B 329 31.82 24.19 4.72
C SER B 329 32.86 23.80 5.78
N CYS B 330 32.39 23.29 6.92
CA CYS B 330 33.27 22.94 8.03
C CYS B 330 34.19 21.73 7.86
N ARG B 331 33.76 20.74 7.08
CA ARG B 331 34.56 19.54 6.90
C ARG B 331 35.47 19.55 5.69
N LYS B 332 36.49 18.69 5.78
CA LYS B 332 37.51 18.54 4.75
C LYS B 332 37.24 17.31 3.89
N ASP B 333 37.79 17.32 2.68
CA ASP B 333 37.61 16.19 1.77
C ASP B 333 36.14 15.93 1.52
N MET B 334 35.33 16.99 1.58
CA MET B 334 33.90 16.86 1.35
C MET B 334 33.63 16.84 -0.16
N VAL B 335 32.62 16.08 -0.57
CA VAL B 335 32.30 15.98 -1.99
C VAL B 335 31.83 17.30 -2.61
N LYS B 336 32.49 17.70 -3.69
CA LYS B 336 32.13 18.94 -4.39
C LYS B 336 32.41 18.72 -5.86
N ILE B 337 31.40 18.91 -6.69
CA ILE B 337 31.56 18.72 -8.12
C ILE B 337 31.55 20.05 -8.87
N SER B 338 32.46 20.17 -9.82
CA SER B 338 32.56 21.37 -10.62
C SER B 338 31.43 21.31 -11.65
N MET B 339 30.51 22.27 -11.57
CA MET B 339 29.36 22.34 -12.46
C MET B 339 29.68 22.98 -13.81
N ASP B 340 30.89 23.53 -13.92
CA ASP B 340 31.30 24.19 -15.14
C ASP B 340 31.06 23.36 -16.41
N VAL B 341 31.51 22.12 -16.42
CA VAL B 341 31.31 21.28 -17.59
C VAL B 341 29.84 21.02 -17.94
N PHE B 342 28.98 21.02 -16.92
CA PHE B 342 27.54 20.78 -17.14
C PHE B 342 26.82 21.99 -17.69
N VAL B 343 27.13 23.16 -17.15
CA VAL B 343 26.49 24.38 -17.60
C VAL B 343 26.91 24.63 -19.05
N ARG B 344 28.21 24.61 -19.28
CA ARG B 344 28.78 24.84 -20.60
C ARG B 344 28.28 23.92 -21.70
N LYS B 345 27.92 22.69 -21.37
CA LYS B 345 27.44 21.75 -22.38
C LYS B 345 25.93 21.77 -22.59
N PHE B 346 25.16 21.71 -21.50
CA PHE B 346 23.71 21.70 -21.61
C PHE B 346 23.02 23.06 -21.50
N GLN B 347 23.75 24.06 -21.01
CA GLN B 347 23.17 25.40 -20.89
C GLN B 347 24.11 26.43 -21.53
N PRO B 348 24.61 26.17 -22.74
CA PRO B 348 25.52 27.11 -23.40
C PRO B 348 25.01 28.54 -23.46
N GLU B 349 23.69 28.69 -23.58
CA GLU B 349 23.11 30.02 -23.67
C GLU B 349 23.07 30.74 -22.33
N ARG B 350 23.41 30.03 -21.25
CA ARG B 350 23.39 30.64 -19.91
C ARG B 350 24.78 30.73 -19.25
N TYR B 351 25.72 29.94 -19.76
CA TYR B 351 27.07 29.88 -19.24
C TYR B 351 27.73 31.22 -18.92
N LYS B 352 27.73 32.12 -19.88
CA LYS B 352 28.33 33.43 -19.68
C LYS B 352 27.68 34.12 -18.47
N LEU B 353 26.35 34.10 -18.42
CA LEU B 353 25.62 34.74 -17.32
C LEU B 353 25.98 34.10 -15.96
N TRP B 354 25.97 32.78 -15.93
CA TRP B 354 26.28 32.02 -14.73
C TRP B 354 27.67 32.35 -14.18
N LYS B 355 28.69 32.33 -15.04
CA LYS B 355 30.05 32.63 -14.59
C LYS B 355 30.17 33.99 -13.93
N ALA B 356 29.35 34.93 -14.37
CA ALA B 356 29.34 36.28 -13.83
C ALA B 356 28.60 36.30 -12.50
N GLY B 357 27.86 35.24 -12.22
CA GLY B 357 27.09 35.17 -10.99
C GLY B 357 25.78 35.91 -11.08
N LYS B 358 25.23 36.05 -12.29
CA LYS B 358 23.98 36.76 -12.49
C LYS B 358 22.84 35.83 -12.93
N ASP B 359 23.07 34.52 -12.85
CA ASP B 359 22.04 33.55 -13.23
C ASP B 359 21.11 33.36 -12.04
N ASN B 360 19.89 33.88 -12.15
CA ASN B 360 18.92 33.80 -11.07
C ASN B 360 17.71 32.92 -11.35
N THR B 361 17.96 31.72 -11.86
CA THR B 361 16.89 30.77 -12.17
C THR B 361 16.28 30.23 -10.89
N VAL B 362 14.94 30.20 -10.84
CA VAL B 362 14.25 29.68 -9.68
C VAL B 362 13.76 28.28 -10.01
N ILE B 363 14.11 27.32 -9.16
CA ILE B 363 13.73 25.94 -9.39
C ILE B 363 12.29 25.62 -9.00
N ASP B 364 11.61 24.86 -9.86
CA ASP B 364 10.23 24.44 -9.60
C ASP B 364 10.26 22.92 -9.43
N HIS B 365 10.26 22.49 -8.17
CA HIS B 365 10.31 21.07 -7.82
C HIS B 365 9.21 20.19 -8.41
N THR B 366 8.11 20.79 -8.84
CA THR B 366 7.03 19.96 -9.41
C THR B 366 7.30 19.56 -10.85
N LEU B 367 8.14 20.33 -11.53
CA LEU B 367 8.48 20.09 -12.94
C LEU B 367 9.31 18.84 -13.23
N PRO B 368 8.88 18.02 -14.19
CA PRO B 368 9.62 16.79 -14.54
C PRO B 368 10.86 17.13 -15.38
N THR B 369 11.79 16.19 -15.52
CA THR B 369 12.98 16.47 -16.31
C THR B 369 12.55 16.58 -17.77
N PRO B 370 13.27 17.39 -18.56
CA PRO B 370 12.98 17.60 -19.98
C PRO B 370 12.87 16.32 -20.79
N GLU B 371 13.74 15.35 -20.51
CA GLU B 371 13.75 14.08 -21.20
C GLU B 371 12.38 13.38 -21.18
N ALA B 372 11.53 13.80 -20.25
CA ALA B 372 10.19 13.22 -20.10
C ALA B 372 9.20 13.76 -21.12
N ALA B 373 9.63 14.74 -21.90
CA ALA B 373 8.77 15.36 -22.90
C ALA B 373 7.98 14.37 -23.76
N GLU B 374 8.62 13.31 -24.21
CA GLU B 374 7.94 12.32 -25.05
C GLU B 374 6.77 11.63 -24.35
N PHE B 375 6.97 11.26 -23.09
CA PHE B 375 5.94 10.57 -22.33
C PHE B 375 4.76 11.50 -21.98
N LEU B 376 5.04 12.79 -21.90
CA LEU B 376 4.00 13.77 -21.58
C LEU B 376 3.01 13.87 -22.75
N LYS B 377 3.54 13.80 -23.97
CA LYS B 377 2.73 13.86 -25.19
C LYS B 377 1.73 12.71 -25.25
#